data_6IAC
#
_entry.id   6IAC
#
_cell.length_a   1.0
_cell.length_b   1.0
_cell.length_c   1.0
_cell.angle_alpha   90.0
_cell.angle_beta   90.0
_cell.angle_gamma   90.0
#
_symmetry.space_group_name_H-M   'P 1'
#
loop_
_entity.id
_entity.type
_entity.pdbx_description
1 polymer 'Portal protein'
2 polymer 'Lower collar protein'
3 polymer 'Minor structural protein'
4 polymer 'inner core protein'
#
loop_
_entity_poly.entity_id
_entity_poly.type
_entity_poly.pdbx_seq_one_letter_code
_entity_poly.pdbx_strand_id
1 'polypeptide(L)'
;MNNDKRGLNVELSKEISKRVVEHRNRFKRLMFNRYLEFLPLLINYTNRDTVGIDFIQLESALRQNINVVVGEARNKQIMI
LGYVNNTYFNQAPNFSSNFNFQFQKRLTKEDIYFIVPDYLIPDDCLQIHKLYDNCMSGNFVVMQNKPIQYNSDIEIIEHY
TDELAEVALSRFSLIMQAKFSKIFKSEINDESINQLVSEIYNGAPFVKMSPMFNADDDIIDLTSNSVIPALTEMKREYQN
KISELSNYLGINSLAVDKESGVSDEEAKSNRGFTTSNSNIYLKGREPITFLSKRYGLDIKPYYDDETTSKISMVDTLFKD
ESSDING
;
A
2 'polypeptide(L)'
;MARYTMTLYDFIKSELIKKGFNEFVNDNKLTFYDDEFQFMQKMLKFDKDVLAIVNEKVFKGFSLKDELSDLLFKKSFTIH
FLDREINRQTVEAFGMQVITVCITHEDYLNVVYSSSEVEKYLQSQGFTEHNEDTTSNTDETSNQNATSLDNSTGMTANRN
AYVSLPQSEVNIDVDNTTLRFADNNTIDNGKTVNKSSNESNQNAKRNQNQKGNAKGTQFTKQYLIDNIDKAYDLRKKILN
EFDKKCFLQIW
;
B
3 'polypeptide(L)'
;MAYNENDFKYFDDIRPFLDEIYKTRERYTPFYDDRADYNTNSKSYYDYISRLSKLIEVLARRIWDYDNELKKRFKNWDDL
MKAFPEQAKDLFRGWLNDGTIDSIIHDEFKKYSAGLTSAFALFKVTEMKQMNDFKSEVKDLIKDIDRFVNGFELNELEPK
FVMGFGGIRNAVNQSINIDKETNHMYSTQSDSQKPEGFWINKLTPSGDLISSMRIVQGGHGTTIGLERQSNGEMKIWLHH
DGVAKLLQVAYKDNYVLDLEEAKGLTDYTPQSLLNKHTFTPLIDEANDKLILRFGDGTIQVRSRADVKNHIDNVEKEMTI
DNSENNDNRWMQGIAVDGDDLYWLSGNSSVNSHVQIGKYSLTTGQKIYDYPFKLSYQDGINFPRDNFKEPEGICIYTNPK
TKRKSLLLAMTNGGGGKRFHNLYGFFQLGEYEHFEALRARGSQNYKLTKDDGRALSIPDHIDDLNDLTQAGFYYIDGGTA
EKLKNMPMNGSKRIIDAGCFINVYPTTQTLGTVQELTRFSTGRKMVKMVRGMTLDVFTLKWDYGLWTTIKTDAPYQEYLE
ASQYNNWIAYVTTAGEYYITGNQMELFRDAPEEIKKVGAWLRVSSGNAVGEVRQTLEANISEYKEFFSNVNAETKHREYG
WVAKHQK
;
D,E,F
4 'polypeptide(L)'
;MTEFDEIVKPDDKEETSESTEENLESTEETSESTEESTEESTEESTEDKTVETIEEENENKLEPTTTDEDSSKFDPVVLE
QRIASLEQQVTTFLSSQMQQPQQVQQTQSDVTESNKEDNDYSDEELVDKLDLD
;
G,H,I,J,K,L
#
# COMPACT_ATOMS: atom_id res chain seq x y z
N ARG A 6 -47.31 -12.38 3.49
CA ARG A 6 -46.82 -12.51 2.13
C ARG A 6 -45.77 -11.47 1.78
N GLY A 7 -44.88 -11.84 0.87
CA GLY A 7 -43.94 -10.89 0.32
C GLY A 7 -43.54 -11.28 -1.08
N LEU A 8 -43.77 -10.39 -2.03
CA LEU A 8 -43.64 -10.71 -3.44
C LEU A 8 -43.48 -9.40 -4.19
N ASN A 9 -42.39 -9.24 -4.94
CA ASN A 9 -42.35 -8.29 -6.05
C ASN A 9 -41.28 -8.79 -7.01
N VAL A 10 -41.69 -9.45 -8.09
CA VAL A 10 -40.75 -10.15 -8.96
C VAL A 10 -39.93 -9.15 -9.76
N GLU A 11 -38.78 -9.62 -10.28
CA GLU A 11 -37.80 -8.71 -10.86
C GLU A 11 -38.28 -8.15 -12.19
N LEU A 12 -38.35 -8.99 -13.20
CA LEU A 12 -38.59 -8.60 -14.59
C LEU A 12 -38.75 -9.93 -15.31
N SER A 13 -38.83 -9.92 -16.63
CA SER A 13 -38.50 -11.16 -17.31
C SER A 13 -37.12 -11.15 -17.92
N LYS A 14 -36.14 -10.59 -17.22
CA LYS A 14 -34.77 -11.07 -17.27
C LYS A 14 -34.49 -11.89 -16.01
N GLU A 15 -35.54 -12.49 -15.46
CA GLU A 15 -35.37 -13.63 -14.54
C GLU A 15 -34.63 -14.76 -15.22
N ILE A 16 -34.79 -14.91 -16.53
CA ILE A 16 -34.10 -15.92 -17.33
C ILE A 16 -32.59 -15.74 -17.22
N SER A 17 -32.14 -14.49 -17.14
CA SER A 17 -30.70 -14.26 -16.99
C SER A 17 -30.18 -14.59 -15.61
N LYS A 18 -31.06 -14.95 -14.68
CA LYS A 18 -30.66 -15.67 -13.49
C LYS A 18 -30.92 -17.16 -13.62
N ARG A 19 -31.92 -17.54 -14.41
CA ARG A 19 -32.16 -18.95 -14.64
C ARG A 19 -31.05 -19.56 -15.48
N VAL A 20 -30.48 -18.79 -16.40
CA VAL A 20 -29.38 -19.26 -17.23
C VAL A 20 -28.15 -19.56 -16.39
N VAL A 21 -27.78 -18.65 -15.50
CA VAL A 21 -26.63 -18.88 -14.64
C VAL A 21 -26.90 -19.95 -13.58
N GLU A 22 -28.15 -20.21 -13.26
CA GLU A 22 -28.46 -21.34 -12.38
C GLU A 22 -28.25 -22.66 -13.10
N HIS A 23 -28.50 -22.69 -14.41
CA HIS A 23 -28.33 -23.92 -15.18
C HIS A 23 -26.86 -24.23 -15.27
N ARG A 24 -26.02 -23.22 -15.47
CA ARG A 24 -24.58 -23.41 -15.50
C ARG A 24 -24.06 -23.88 -14.15
N ASN A 25 -24.46 -23.20 -13.08
CA ASN A 25 -23.97 -23.54 -11.76
C ASN A 25 -24.41 -24.95 -11.34
N ARG A 26 -25.67 -25.28 -11.61
CA ARG A 26 -26.14 -26.61 -11.28
C ARG A 26 -25.49 -27.66 -12.17
N PHE A 27 -25.12 -27.30 -13.39
CA PHE A 27 -24.45 -28.29 -14.24
C PHE A 27 -23.05 -28.59 -13.76
N LYS A 28 -22.34 -27.58 -13.27
CA LYS A 28 -20.99 -27.84 -12.76
C LYS A 28 -21.05 -28.70 -11.52
N ARG A 29 -21.94 -28.35 -10.59
CA ARG A 29 -22.09 -29.14 -9.36
C ARG A 29 -22.48 -30.57 -9.66
N LEU A 30 -23.41 -30.75 -10.60
CA LEU A 30 -23.90 -32.07 -10.92
C LEU A 30 -22.84 -32.90 -11.64
N MET A 31 -22.18 -32.33 -12.65
CA MET A 31 -21.23 -33.12 -13.41
C MET A 31 -19.99 -33.45 -12.57
N PHE A 32 -19.58 -32.53 -11.70
CA PHE A 32 -18.45 -32.79 -10.82
C PHE A 32 -18.73 -33.93 -9.87
N ASN A 33 -19.81 -33.85 -9.11
CA ASN A 33 -20.00 -34.91 -8.13
C ASN A 33 -20.50 -36.19 -8.75
N ARG A 34 -21.12 -36.16 -9.94
CA ARG A 34 -21.42 -37.39 -10.66
C ARG A 34 -20.14 -38.08 -11.11
N TYR A 35 -19.18 -37.31 -11.58
CA TYR A 35 -18.00 -37.92 -12.16
C TYR A 35 -17.17 -38.57 -11.07
N LEU A 36 -17.15 -37.99 -9.88
CA LEU A 36 -16.53 -38.76 -8.81
C LEU A 36 -17.50 -39.71 -8.12
N GLU A 37 -18.79 -39.68 -8.47
CA GLU A 37 -19.73 -40.69 -7.98
C GLU A 37 -19.52 -41.98 -8.72
N PHE A 38 -18.98 -41.89 -9.92
CA PHE A 38 -18.76 -43.07 -10.72
C PHE A 38 -17.35 -43.62 -10.56
N LEU A 39 -16.36 -42.76 -10.64
CA LEU A 39 -14.93 -43.04 -10.73
C LEU A 39 -14.35 -44.08 -9.77
N PRO A 40 -14.87 -44.30 -8.55
CA PRO A 40 -14.41 -45.46 -7.77
C PRO A 40 -15.13 -46.77 -8.09
N LEU A 41 -15.36 -47.03 -9.38
CA LEU A 41 -15.66 -48.38 -9.86
C LEU A 41 -15.34 -48.43 -11.35
N LEU A 42 -14.16 -48.94 -11.68
CA LEU A 42 -13.77 -49.12 -13.06
C LEU A 42 -13.13 -50.47 -13.32
N ILE A 43 -12.62 -51.13 -12.31
CA ILE A 43 -11.65 -52.19 -12.48
C ILE A 43 -12.28 -53.54 -12.16
N ASN A 44 -12.66 -53.76 -10.91
CA ASN A 44 -13.51 -54.83 -10.35
C ASN A 44 -12.95 -56.25 -10.49
N TYR A 45 -11.93 -56.43 -11.33
CA TYR A 45 -10.91 -57.46 -11.29
C TYR A 45 -11.32 -58.89 -10.98
N THR A 46 -11.87 -59.57 -11.99
CA THR A 46 -12.39 -60.94 -12.02
C THR A 46 -13.23 -61.24 -10.80
N ASN A 47 -14.37 -60.56 -10.78
CA ASN A 47 -15.22 -60.21 -9.64
C ASN A 47 -15.64 -61.41 -8.79
N ARG A 48 -15.08 -61.47 -7.58
CA ARG A 48 -15.36 -62.48 -6.56
C ARG A 48 -15.28 -63.89 -7.12
N ASP A 49 -14.09 -64.25 -7.56
CA ASP A 49 -13.83 -65.63 -7.89
C ASP A 49 -14.02 -66.46 -6.63
N THR A 50 -13.18 -66.24 -5.64
CA THR A 50 -13.22 -67.00 -4.41
C THR A 50 -12.98 -66.14 -3.18
N VAL A 51 -12.87 -64.83 -3.32
CA VAL A 51 -12.21 -63.99 -2.34
C VAL A 51 -13.25 -63.10 -1.67
N GLY A 52 -13.28 -63.12 -0.36
CA GLY A 52 -14.24 -62.36 0.39
C GLY A 52 -13.90 -60.89 0.52
N ILE A 53 -13.93 -60.17 -0.58
CA ILE A 53 -13.76 -58.73 -0.58
C ILE A 53 -14.99 -58.10 -1.23
N ASP A 54 -15.61 -57.15 -0.54
CA ASP A 54 -16.56 -56.27 -1.21
C ASP A 54 -15.72 -55.27 -2.00
N PHE A 55 -15.58 -55.50 -3.30
CA PHE A 55 -14.66 -54.69 -4.09
C PHE A 55 -15.16 -53.27 -4.29
N ILE A 56 -16.46 -53.06 -4.19
CA ILE A 56 -17.01 -51.71 -4.26
C ILE A 56 -16.50 -50.90 -3.07
N GLN A 57 -16.53 -51.48 -1.88
CA GLN A 57 -15.98 -50.81 -0.71
C GLN A 57 -14.48 -50.68 -0.79
N LEU A 58 -13.80 -51.52 -1.56
CA LEU A 58 -12.37 -51.35 -1.75
C LEU A 58 -12.08 -50.17 -2.65
N GLU A 59 -12.74 -50.10 -3.80
CA GLU A 59 -12.42 -49.09 -4.78
C GLU A 59 -12.81 -47.71 -4.30
N SER A 60 -13.88 -47.62 -3.51
CA SER A 60 -14.22 -46.35 -2.87
C SER A 60 -13.14 -45.95 -1.87
N ALA A 61 -12.55 -46.91 -1.18
CA ALA A 61 -11.46 -46.58 -0.28
C ALA A 61 -10.19 -46.21 -1.05
N LEU A 62 -9.99 -46.78 -2.23
CA LEU A 62 -8.76 -46.50 -2.95
C LEU A 62 -8.77 -45.11 -3.56
N ARG A 63 -9.94 -44.57 -3.87
CA ARG A 63 -9.94 -43.27 -4.52
C ARG A 63 -9.93 -42.12 -3.54
N GLN A 64 -10.04 -42.37 -2.23
CA GLN A 64 -9.56 -41.41 -1.26
C GLN A 64 -8.13 -41.68 -0.83
N ASN A 65 -7.40 -42.45 -1.62
CA ASN A 65 -5.95 -42.61 -1.56
C ASN A 65 -5.44 -43.28 -0.30
N ILE A 66 -6.31 -43.78 0.56
CA ILE A 66 -5.84 -44.51 1.74
C ILE A 66 -5.42 -45.90 1.31
N ASN A 67 -4.23 -46.30 1.72
CA ASN A 67 -3.64 -47.55 1.29
C ASN A 67 -4.33 -48.67 2.05
N VAL A 68 -5.24 -49.39 1.40
CA VAL A 68 -5.86 -50.51 2.10
C VAL A 68 -4.90 -51.67 2.12
N VAL A 69 -5.13 -52.61 3.02
CA VAL A 69 -4.31 -53.81 3.10
C VAL A 69 -5.20 -55.03 3.19
N VAL A 70 -5.11 -55.88 2.21
CA VAL A 70 -5.83 -57.14 2.22
C VAL A 70 -4.86 -58.25 2.62
N GLY A 71 -5.30 -59.12 3.51
CA GLY A 71 -4.46 -60.20 3.96
C GLY A 71 -5.24 -61.46 4.16
N GLU A 72 -5.09 -62.10 5.31
CA GLU A 72 -5.99 -63.16 5.73
C GLU A 72 -6.62 -62.74 7.06
N ALA A 73 -7.83 -63.21 7.30
CA ALA A 73 -8.45 -63.03 8.61
C ALA A 73 -8.71 -64.36 9.29
N ARG A 74 -9.54 -65.22 8.69
CA ARG A 74 -9.50 -66.66 8.93
C ARG A 74 -9.46 -67.24 7.53
N ASN A 75 -8.29 -67.14 6.90
CA ASN A 75 -7.99 -67.68 5.58
C ASN A 75 -8.97 -67.21 4.50
N LYS A 76 -9.56 -66.02 4.64
CA LYS A 76 -10.57 -65.64 3.66
C LYS A 76 -10.58 -64.16 3.28
N GLN A 77 -9.47 -63.44 3.48
CA GLN A 77 -9.14 -62.19 2.79
C GLN A 77 -10.14 -61.06 3.04
N ILE A 78 -10.26 -60.68 4.28
CA ILE A 78 -11.01 -59.50 4.67
C ILE A 78 -10.13 -58.27 4.50
N MET A 79 -10.71 -57.16 4.08
CA MET A 79 -9.95 -55.92 3.96
C MET A 79 -9.56 -55.36 5.31
N ILE A 80 -8.41 -54.69 5.34
CA ILE A 80 -7.92 -53.92 6.49
C ILE A 80 -7.29 -52.64 5.92
N LEU A 81 -7.13 -51.60 6.75
CA LEU A 81 -6.56 -50.33 6.32
C LEU A 81 -5.08 -50.30 6.70
N GLY A 82 -4.25 -49.64 5.88
CA GLY A 82 -2.82 -49.80 6.07
C GLY A 82 -1.93 -48.58 6.20
N TYR A 83 -2.39 -47.54 6.86
CA TYR A 83 -1.54 -46.39 7.07
C TYR A 83 -1.16 -46.24 8.54
N GLN A 104 14.86 -46.70 -1.53
CA GLN A 104 15.03 -47.27 -0.20
C GLN A 104 13.76 -48.05 0.19
N LYS A 105 13.94 -49.13 0.95
CA LYS A 105 12.83 -49.96 1.40
C LYS A 105 13.09 -50.44 2.82
N ARG A 106 12.27 -50.00 3.76
CA ARG A 106 12.25 -50.49 5.14
C ARG A 106 10.99 -51.33 5.29
N LEU A 107 11.16 -52.61 5.60
CA LEU A 107 10.07 -53.57 5.47
C LEU A 107 9.06 -53.44 6.60
N THR A 108 7.79 -53.66 6.25
CA THR A 108 6.74 -53.77 7.25
C THR A 108 6.46 -55.23 7.53
N LYS A 109 6.33 -55.56 8.82
CA LYS A 109 5.92 -56.90 9.21
C LYS A 109 4.66 -56.90 10.07
N GLU A 110 4.68 -56.20 11.20
CA GLU A 110 3.70 -56.53 12.23
C GLU A 110 2.39 -55.82 11.96
N ASP A 111 1.38 -56.17 12.77
CA ASP A 111 0.09 -55.51 12.74
C ASP A 111 0.13 -54.22 13.56
N ILE A 112 1.00 -53.31 13.12
CA ILE A 112 1.11 -52.02 13.80
C ILE A 112 0.02 -51.09 13.31
N TYR A 113 -0.41 -51.27 12.06
CA TYR A 113 -1.37 -50.42 11.38
C TYR A 113 -2.77 -50.49 12.01
N PHE A 114 -3.61 -49.53 11.63
CA PHE A 114 -4.99 -49.48 12.08
C PHE A 114 -5.76 -50.64 11.47
N ILE A 115 -6.63 -51.25 12.26
CA ILE A 115 -7.36 -52.44 11.79
C ILE A 115 -8.85 -52.18 11.90
N VAL A 116 -9.54 -52.23 10.76
CA VAL A 116 -10.99 -51.99 10.74
C VAL A 116 -11.91 -53.15 11.15
N PRO A 117 -11.66 -54.44 10.87
CA PRO A 117 -12.58 -55.45 11.42
C PRO A 117 -12.41 -55.64 12.91
N ASP A 118 -13.29 -56.45 13.47
CA ASP A 118 -13.56 -56.45 14.90
C ASP A 118 -12.82 -57.52 15.69
N TYR A 119 -13.06 -58.79 15.39
CA TYR A 119 -12.42 -59.90 16.09
C TYR A 119 -11.69 -60.81 15.12
N LEU A 120 -11.75 -60.53 13.84
CA LEU A 120 -11.19 -61.39 12.81
C LEU A 120 -9.70 -61.14 12.60
N ILE A 121 -9.06 -60.37 13.47
CA ILE A 121 -7.67 -59.97 13.37
C ILE A 121 -6.79 -61.21 13.41
N PRO A 122 -5.62 -61.21 12.76
CA PRO A 122 -4.84 -62.45 12.70
C PRO A 122 -4.25 -62.82 14.03
N ASP A 123 -3.89 -61.83 14.87
CA ASP A 123 -3.31 -62.02 16.21
C ASP A 123 -2.06 -62.90 16.15
N ASP A 124 -1.32 -62.77 15.06
CA ASP A 124 -0.22 -63.67 14.75
C ASP A 124 0.71 -62.96 13.79
N CYS A 125 1.60 -63.74 13.19
CA CYS A 125 2.64 -63.19 12.31
C CYS A 125 2.01 -62.71 11.01
N LEU A 126 1.92 -61.40 10.86
CA LEU A 126 1.59 -60.80 9.58
C LEU A 126 2.88 -60.41 8.88
N GLN A 127 2.78 -60.12 7.58
CA GLN A 127 3.89 -59.62 6.80
C GLN A 127 3.34 -58.97 5.54
N ILE A 128 4.21 -58.25 4.85
CA ILE A 128 3.92 -57.81 3.50
C ILE A 128 4.49 -58.86 2.56
N HIS A 129 3.71 -59.26 1.56
CA HIS A 129 4.08 -60.40 0.74
C HIS A 129 4.67 -60.00 -0.60
N LYS A 130 5.48 -58.93 -0.64
CA LYS A 130 5.94 -58.38 -1.92
C LYS A 130 7.31 -58.91 -2.36
N LEU A 131 8.33 -58.68 -1.55
CA LEU A 131 9.71 -58.90 -1.97
C LEU A 131 10.46 -59.83 -1.02
N TYR A 132 9.85 -60.20 0.12
CA TYR A 132 10.45 -61.19 1.01
C TYR A 132 10.65 -62.52 0.28
N ASP A 133 9.67 -62.90 -0.52
CA ASP A 133 9.80 -63.93 -1.52
C ASP A 133 8.77 -63.58 -2.59
N ASN A 134 8.62 -64.46 -3.57
CA ASN A 134 7.52 -64.30 -4.50
C ASN A 134 6.18 -64.58 -3.81
N CYS A 135 6.05 -65.78 -3.25
CA CYS A 135 4.75 -66.36 -2.94
C CYS A 135 4.74 -67.07 -1.60
N MET A 136 5.48 -66.58 -0.63
CA MET A 136 5.70 -67.39 0.55
C MET A 136 5.21 -66.77 1.85
N SER A 137 5.46 -65.48 2.06
CA SER A 137 5.23 -64.87 3.36
C SER A 137 3.74 -64.75 3.68
N GLY A 138 3.44 -64.61 4.97
CA GLY A 138 2.08 -64.40 5.40
C GLY A 138 1.53 -63.07 4.91
N ASN A 139 0.26 -63.09 4.55
CA ASN A 139 -0.28 -62.09 3.64
C ASN A 139 -0.81 -60.89 4.41
N PHE A 140 -0.28 -59.72 4.09
CA PHE A 140 -0.96 -58.46 4.28
C PHE A 140 -0.32 -57.51 3.27
N VAL A 141 -0.92 -57.39 2.09
CA VAL A 141 -0.34 -56.62 1.00
C VAL A 141 -1.07 -55.30 0.87
N VAL A 142 -0.33 -54.22 0.67
CA VAL A 142 -0.93 -52.90 0.55
C VAL A 142 -1.11 -52.58 -0.93
N MET A 143 -2.22 -51.96 -1.27
CA MET A 143 -2.54 -51.62 -2.64
C MET A 143 -2.64 -50.11 -2.79
N GLN A 144 -1.75 -49.54 -3.58
CA GLN A 144 -1.79 -48.13 -3.86
C GLN A 144 -2.88 -47.84 -4.89
N ASN A 145 -3.40 -46.61 -4.87
CA ASN A 145 -4.30 -46.19 -5.94
C ASN A 145 -3.55 -46.00 -7.23
N LYS A 146 -2.34 -45.49 -7.14
CA LYS A 146 -1.58 -45.05 -8.26
C LYS A 146 -0.19 -45.35 -7.77
N PRO A 147 0.67 -45.89 -8.61
CA PRO A 147 1.99 -46.33 -8.14
C PRO A 147 2.86 -45.21 -7.63
N ILE A 148 3.03 -44.17 -8.43
CA ILE A 148 3.70 -42.95 -7.99
C ILE A 148 2.68 -41.83 -8.02
N GLN A 149 2.54 -41.15 -6.90
CA GLN A 149 1.48 -40.18 -6.72
C GLN A 149 2.05 -38.79 -6.89
N TYR A 150 1.48 -38.02 -7.82
CA TYR A 150 1.87 -36.63 -7.97
C TYR A 150 0.74 -35.65 -7.74
N ASN A 151 -0.37 -35.79 -8.46
CA ASN A 151 -1.52 -34.94 -8.20
C ASN A 151 -2.78 -35.78 -8.08
N SER A 152 -3.68 -35.33 -7.24
CA SER A 152 -4.91 -36.08 -7.01
C SER A 152 -5.76 -35.74 -8.22
N ASP A 153 -6.45 -36.75 -8.73
CA ASP A 153 -7.40 -36.53 -9.81
C ASP A 153 -8.83 -35.98 -9.46
N ILE A 154 -8.97 -35.57 -8.20
CA ILE A 154 -10.14 -34.80 -7.81
C ILE A 154 -9.86 -33.33 -8.11
N GLU A 155 -8.64 -33.02 -8.56
CA GLU A 155 -8.33 -31.65 -8.93
C GLU A 155 -8.49 -31.53 -10.44
N ILE A 156 -8.17 -32.61 -11.16
CA ILE A 156 -8.32 -32.59 -12.61
C ILE A 156 -9.80 -32.61 -12.90
N ILE A 157 -10.60 -33.29 -12.08
CA ILE A 157 -12.01 -33.28 -12.32
C ILE A 157 -12.62 -31.92 -11.97
N GLU A 158 -11.98 -31.16 -11.10
CA GLU A 158 -12.36 -29.76 -10.95
C GLU A 158 -11.78 -28.91 -12.07
N HIS A 159 -10.71 -29.38 -12.71
CA HIS A 159 -10.06 -28.57 -13.73
C HIS A 159 -10.88 -28.51 -15.01
N TYR A 160 -11.52 -29.59 -15.39
CA TYR A 160 -12.28 -29.53 -16.63
C TYR A 160 -13.73 -29.20 -16.43
N THR A 161 -14.27 -29.40 -15.23
CA THR A 161 -15.71 -29.29 -15.11
C THR A 161 -16.16 -27.84 -15.14
N ASP A 162 -15.31 -26.89 -14.79
CA ASP A 162 -15.70 -25.49 -14.96
C ASP A 162 -15.66 -25.08 -16.43
N GLU A 163 -14.64 -25.53 -17.16
CA GLU A 163 -14.55 -25.29 -18.59
C GLU A 163 -15.73 -25.96 -19.30
N LEU A 164 -16.06 -27.17 -18.88
CA LEU A 164 -17.25 -27.84 -19.36
C LEU A 164 -18.51 -27.10 -18.95
N ALA A 165 -18.49 -26.46 -17.78
CA ALA A 165 -19.69 -25.78 -17.29
C ALA A 165 -20.03 -24.61 -18.17
N GLU A 166 -19.02 -23.83 -18.55
CA GLU A 166 -19.35 -22.67 -19.34
C GLU A 166 -19.59 -23.03 -20.81
N VAL A 167 -19.13 -24.18 -21.29
CA VAL A 167 -19.60 -24.52 -22.62
C VAL A 167 -21.04 -25.05 -22.56
N ALA A 168 -21.45 -25.63 -21.43
CA ALA A 168 -22.86 -25.99 -21.28
C ALA A 168 -23.72 -24.76 -21.11
N LEU A 169 -23.17 -23.73 -20.47
CA LEU A 169 -23.78 -22.41 -20.44
C LEU A 169 -24.03 -21.90 -21.83
N SER A 170 -23.03 -21.97 -22.69
CA SER A 170 -23.17 -21.38 -24.02
C SER A 170 -24.15 -22.16 -24.88
N ARG A 171 -24.24 -23.48 -24.70
CA ARG A 171 -25.25 -24.25 -25.42
C ARG A 171 -26.65 -23.89 -24.95
N PHE A 172 -26.84 -23.78 -23.64
CA PHE A 172 -28.17 -23.47 -23.12
C PHE A 172 -28.59 -22.06 -23.49
N SER A 173 -27.66 -21.11 -23.41
CA SER A 173 -27.93 -19.75 -23.83
C SER A 173 -28.17 -19.66 -25.33
N LEU A 174 -27.61 -20.59 -26.10
CA LEU A 174 -27.80 -20.51 -27.54
C LEU A 174 -29.15 -21.03 -27.95
N ILE A 175 -29.61 -22.12 -27.32
CA ILE A 175 -30.92 -22.64 -27.68
C ILE A 175 -32.04 -21.96 -26.94
N MET A 176 -31.73 -21.09 -25.98
CA MET A 176 -32.81 -20.37 -25.33
C MET A 176 -33.22 -19.13 -26.10
N GLN A 177 -32.32 -18.58 -26.91
CA GLN A 177 -32.65 -17.44 -27.74
C GLN A 177 -32.89 -17.85 -29.18
N ALA A 178 -32.93 -19.14 -29.47
CA ALA A 178 -33.23 -19.63 -30.82
C ALA A 178 -34.72 -19.90 -30.96
N LYS A 179 -35.50 -18.83 -30.89
CA LYS A 179 -36.95 -18.93 -31.04
C LYS A 179 -37.46 -17.70 -31.78
N PHE A 180 -38.49 -17.92 -32.60
CA PHE A 180 -38.67 -17.17 -33.84
C PHE A 180 -40.10 -16.68 -33.96
N SER A 181 -40.28 -15.41 -34.25
CA SER A 181 -41.59 -14.84 -34.44
C SER A 181 -41.67 -14.18 -35.80
N LYS A 182 -42.88 -14.07 -36.31
CA LYS A 182 -43.13 -13.40 -37.56
C LYS A 182 -43.81 -12.06 -37.26
N ILE A 183 -43.05 -10.98 -37.38
CA ILE A 183 -43.50 -9.68 -36.93
C ILE A 183 -44.38 -9.06 -38.01
N PHE A 184 -45.61 -8.75 -37.65
CA PHE A 184 -46.45 -7.91 -38.48
C PHE A 184 -46.22 -6.47 -38.12
N LYS A 185 -46.29 -5.60 -39.12
CA LYS A 185 -45.94 -4.20 -38.95
C LYS A 185 -46.98 -3.34 -39.64
N SER A 186 -47.83 -2.68 -38.87
CA SER A 186 -48.87 -1.82 -39.42
C SER A 186 -49.31 -0.84 -38.35
N GLU A 187 -49.90 0.28 -38.81
CA GLU A 187 -50.52 1.22 -37.89
C GLU A 187 -51.69 0.52 -37.22
N ILE A 188 -51.83 0.76 -35.91
CA ILE A 188 -52.19 -0.33 -35.03
C ILE A 188 -53.63 -0.80 -35.22
N ASN A 189 -54.60 0.00 -34.80
CA ASN A 189 -55.86 -0.53 -34.31
C ASN A 189 -56.71 -1.09 -35.43
N ASP A 190 -56.69 -2.43 -35.56
CA ASP A 190 -57.56 -3.25 -36.39
C ASP A 190 -57.45 -2.86 -37.87
N GLU A 191 -56.27 -3.09 -38.41
CA GLU A 191 -56.12 -3.23 -39.85
C GLU A 191 -55.63 -4.61 -40.24
N SER A 192 -54.53 -5.05 -39.63
CA SER A 192 -53.86 -6.27 -39.98
C SER A 192 -54.19 -7.42 -39.05
N ILE A 193 -54.98 -7.20 -38.00
CA ILE A 193 -55.29 -8.31 -37.12
C ILE A 193 -56.24 -9.28 -37.80
N ASN A 194 -57.24 -8.76 -38.52
CA ASN A 194 -58.22 -9.58 -39.21
C ASN A 194 -57.56 -10.38 -40.32
N GLN A 195 -56.47 -9.82 -40.87
CA GLN A 195 -55.64 -10.48 -41.86
C GLN A 195 -55.04 -11.76 -41.32
N LEU A 196 -54.25 -11.66 -40.25
CA LEU A 196 -53.52 -12.84 -39.78
C LEU A 196 -54.47 -13.88 -39.21
N VAL A 197 -55.54 -13.44 -38.55
CA VAL A 197 -56.52 -14.38 -37.98
C VAL A 197 -57.17 -15.20 -39.07
N SER A 198 -57.87 -14.56 -39.98
CA SER A 198 -58.63 -15.35 -40.93
C SER A 198 -57.81 -15.82 -42.10
N GLU A 199 -56.52 -15.49 -42.18
CA GLU A 199 -55.81 -15.87 -43.39
C GLU A 199 -54.37 -16.30 -43.20
N ILE A 200 -53.85 -16.40 -41.99
CA ILE A 200 -52.52 -16.99 -41.87
C ILE A 200 -52.59 -18.21 -40.98
N TYR A 201 -53.01 -18.04 -39.73
CA TYR A 201 -53.01 -19.20 -38.87
C TYR A 201 -54.19 -20.13 -39.17
N ASN A 202 -55.27 -19.61 -39.74
CA ASN A 202 -56.22 -20.57 -40.29
C ASN A 202 -55.78 -21.16 -41.62
N GLY A 203 -54.58 -20.85 -42.08
CA GLY A 203 -53.95 -21.60 -43.14
C GLY A 203 -54.30 -21.16 -44.53
N ALA A 204 -55.07 -20.10 -44.66
CA ALA A 204 -55.74 -19.81 -45.91
C ALA A 204 -54.76 -19.30 -46.95
N PRO A 205 -54.74 -19.88 -48.12
CA PRO A 205 -54.07 -19.26 -49.25
C PRO A 205 -54.98 -18.20 -49.83
N PHE A 206 -54.42 -17.41 -50.75
CA PHE A 206 -55.14 -16.40 -51.53
C PHE A 206 -55.79 -15.35 -50.63
N VAL A 207 -54.99 -14.64 -49.86
CA VAL A 207 -55.52 -13.51 -49.11
C VAL A 207 -55.35 -12.24 -49.93
N LYS A 208 -56.41 -11.45 -50.00
CA LYS A 208 -56.44 -10.25 -50.83
C LYS A 208 -56.20 -9.01 -49.97
N MET A 209 -55.39 -8.10 -50.47
CA MET A 209 -55.03 -6.92 -49.68
C MET A 209 -55.10 -5.67 -50.53
N SER A 210 -55.00 -4.53 -49.85
CA SER A 210 -55.03 -3.23 -50.47
C SER A 210 -53.71 -2.97 -51.18
N PRO A 211 -53.69 -2.05 -52.16
CA PRO A 211 -52.41 -1.73 -52.83
C PRO A 211 -51.47 -0.90 -51.99
N MET A 212 -51.77 -0.62 -50.73
CA MET A 212 -50.96 0.32 -49.95
C MET A 212 -49.76 -0.36 -49.33
N PHE A 213 -48.97 -1.02 -50.19
CA PHE A 213 -47.67 -1.64 -49.89
C PHE A 213 -47.78 -2.67 -48.76
N ASN A 214 -48.96 -3.24 -48.58
CA ASN A 214 -49.33 -3.77 -47.29
C ASN A 214 -48.71 -5.14 -47.03
N ALA A 215 -47.94 -5.67 -47.98
CA ALA A 215 -46.97 -6.70 -47.66
C ALA A 215 -45.66 -6.53 -48.41
N ASP A 216 -45.43 -5.36 -49.02
CA ASP A 216 -44.18 -5.07 -49.73
C ASP A 216 -43.09 -4.96 -48.68
N ASP A 217 -42.55 -6.13 -48.33
CA ASP A 217 -41.74 -6.51 -47.16
C ASP A 217 -42.18 -5.78 -45.89
N ASP A 218 -43.49 -5.64 -45.72
CA ASP A 218 -44.02 -4.94 -44.55
C ASP A 218 -44.09 -5.89 -43.36
N ILE A 219 -44.58 -7.09 -43.56
CA ILE A 219 -44.39 -8.13 -42.57
C ILE A 219 -42.95 -8.58 -42.70
N ILE A 220 -42.31 -8.82 -41.58
CA ILE A 220 -40.91 -9.21 -41.60
C ILE A 220 -40.74 -10.35 -40.63
N ASP A 221 -39.68 -11.11 -40.83
CA ASP A 221 -39.36 -12.23 -39.97
C ASP A 221 -38.10 -11.90 -39.20
N LEU A 222 -38.16 -12.03 -37.88
CA LEU A 222 -36.90 -12.09 -37.15
C LEU A 222 -36.48 -13.55 -37.14
N THR A 223 -35.33 -13.82 -37.71
CA THR A 223 -34.75 -15.15 -37.73
C THR A 223 -33.47 -15.12 -36.92
N SER A 224 -33.03 -16.30 -36.52
CA SER A 224 -31.74 -16.43 -35.86
C SER A 224 -30.91 -17.46 -36.60
N ASN A 225 -30.78 -17.27 -37.90
CA ASN A 225 -29.85 -18.07 -38.68
C ASN A 225 -28.41 -17.64 -38.51
N SER A 226 -28.12 -16.70 -37.63
CA SER A 226 -26.78 -16.56 -37.09
C SER A 226 -26.58 -17.39 -35.83
N VAL A 227 -27.50 -18.28 -35.52
CA VAL A 227 -27.46 -19.05 -34.28
C VAL A 227 -27.45 -20.55 -34.55
N ILE A 228 -28.26 -21.04 -35.47
CA ILE A 228 -28.25 -22.47 -35.73
C ILE A 228 -27.03 -23.04 -36.47
N PRO A 229 -26.25 -22.33 -37.31
CA PRO A 229 -24.98 -22.93 -37.72
C PRO A 229 -24.01 -22.99 -36.57
N ALA A 230 -24.18 -22.08 -35.62
CA ALA A 230 -23.34 -22.00 -34.44
C ALA A 230 -23.63 -23.12 -33.46
N LEU A 231 -24.78 -23.78 -33.63
CA LEU A 231 -25.27 -24.69 -32.60
C LEU A 231 -24.55 -26.03 -32.65
N THR A 232 -24.34 -26.58 -33.84
CA THR A 232 -23.78 -27.92 -33.96
C THR A 232 -22.31 -27.95 -33.57
N GLU A 233 -21.55 -26.94 -33.98
CA GLU A 233 -20.14 -26.86 -33.62
C GLU A 233 -19.95 -26.72 -32.13
N MET A 234 -20.88 -26.07 -31.44
CA MET A 234 -20.79 -25.96 -30.01
C MET A 234 -21.05 -27.29 -29.33
N LYS A 235 -21.93 -28.11 -29.91
CA LYS A 235 -22.14 -29.43 -29.34
C LYS A 235 -20.94 -30.32 -29.57
N ARG A 236 -20.23 -30.15 -30.69
CA ARG A 236 -19.02 -30.93 -30.90
C ARG A 236 -17.93 -30.50 -29.94
N GLU A 237 -17.91 -29.23 -29.55
CA GLU A 237 -16.93 -28.80 -28.55
C GLU A 237 -17.26 -29.36 -27.17
N TYR A 238 -18.54 -29.41 -26.81
CA TYR A 238 -18.94 -30.08 -25.59
C TYR A 238 -18.57 -31.56 -25.62
N GLN A 239 -18.73 -32.18 -26.78
CA GLN A 239 -18.52 -33.61 -26.90
C GLN A 239 -17.05 -33.98 -26.77
N ASN A 240 -16.19 -33.31 -27.53
CA ASN A 240 -14.78 -33.68 -27.44
C ASN A 240 -14.14 -33.16 -26.16
N LYS A 241 -14.77 -32.22 -25.46
CA LYS A 241 -14.23 -31.90 -24.15
C LYS A 241 -14.59 -32.95 -23.12
N ILE A 242 -15.77 -33.58 -23.25
CA ILE A 242 -16.05 -34.78 -22.47
C ILE A 242 -15.01 -35.85 -22.76
N SER A 243 -14.67 -36.03 -24.04
CA SER A 243 -13.70 -37.08 -24.39
C SER A 243 -12.30 -36.73 -23.94
N GLU A 244 -12.01 -35.45 -23.77
CA GLU A 244 -10.68 -35.08 -23.36
C GLU A 244 -10.54 -35.09 -21.83
N LEU A 245 -11.66 -35.01 -21.12
CA LEU A 245 -11.62 -35.39 -19.71
C LEU A 245 -11.56 -36.89 -19.56
N SER A 246 -12.23 -37.61 -20.46
CA SER A 246 -12.44 -39.04 -20.30
C SER A 246 -11.15 -39.82 -20.43
N ASN A 247 -10.39 -39.54 -21.48
CA ASN A 247 -9.16 -40.27 -21.70
C ASN A 247 -8.08 -39.91 -20.71
N TYR A 248 -8.23 -38.77 -20.01
CA TYR A 248 -7.29 -38.44 -18.96
C TYR A 248 -7.40 -39.45 -17.82
N LEU A 249 -8.61 -39.67 -17.32
CA LEU A 249 -8.84 -40.56 -16.19
C LEU A 249 -9.03 -42.00 -16.63
N GLY A 250 -8.51 -42.36 -17.79
CA GLY A 250 -8.45 -43.74 -18.20
C GLY A 250 -9.74 -44.31 -18.75
N ILE A 251 -10.88 -43.70 -18.49
CA ILE A 251 -12.13 -44.29 -18.95
C ILE A 251 -12.23 -44.00 -20.44
N ASN A 252 -12.26 -45.07 -21.22
CA ASN A 252 -11.96 -44.97 -22.63
C ASN A 252 -12.86 -45.90 -23.44
N SER A 253 -13.00 -45.55 -24.71
CA SER A 253 -13.69 -46.38 -25.68
C SER A 253 -12.70 -47.16 -26.50
N LEU A 254 -11.66 -47.66 -25.87
CA LEU A 254 -10.47 -47.93 -26.63
C LEU A 254 -10.49 -49.25 -27.38
N ALA A 255 -10.88 -50.33 -26.70
CA ALA A 255 -10.77 -51.67 -27.30
C ALA A 255 -11.72 -51.82 -28.47
N VAL A 256 -12.94 -51.30 -28.34
CA VAL A 256 -13.87 -51.30 -29.45
C VAL A 256 -13.38 -50.40 -30.58
N ASP A 257 -12.60 -49.38 -30.26
CA ASP A 257 -12.02 -48.57 -31.31
C ASP A 257 -10.88 -49.29 -32.01
N LYS A 258 -10.26 -50.27 -31.34
CA LYS A 258 -9.30 -51.11 -32.04
C LYS A 258 -10.01 -52.02 -33.04
N GLU A 259 -11.09 -52.67 -32.62
CA GLU A 259 -11.76 -53.55 -33.58
C GLU A 259 -12.65 -52.84 -34.56
N SER A 260 -12.87 -51.54 -34.42
CA SER A 260 -13.69 -50.86 -35.40
C SER A 260 -12.89 -50.16 -36.49
N GLY A 261 -11.58 -50.08 -36.34
CA GLY A 261 -10.76 -49.49 -37.39
C GLY A 261 -10.90 -48.00 -37.52
N VAL A 262 -11.28 -47.32 -36.44
CA VAL A 262 -11.55 -45.88 -36.45
C VAL A 262 -10.47 -45.30 -35.56
N SER A 263 -9.28 -45.89 -35.66
CA SER A 263 -8.29 -45.84 -34.58
C SER A 263 -7.77 -44.43 -34.33
N ASP A 264 -7.42 -43.69 -35.38
CA ASP A 264 -6.77 -42.41 -35.12
C ASP A 264 -7.36 -41.33 -36.02
N GLU A 265 -7.30 -40.10 -35.50
CA GLU A 265 -7.70 -38.79 -36.02
C GLU A 265 -9.17 -38.68 -36.40
N GLU A 266 -9.95 -39.74 -36.17
CA GLU A 266 -11.40 -39.63 -36.22
C GLU A 266 -11.95 -39.54 -34.80
N ALA A 267 -11.67 -40.55 -33.99
CA ALA A 267 -11.72 -40.32 -32.56
C ALA A 267 -10.47 -39.54 -32.21
N LYS A 268 -10.60 -38.22 -32.14
CA LYS A 268 -9.46 -37.33 -31.92
C LYS A 268 -9.03 -37.46 -30.46
N SER A 269 -8.25 -38.49 -30.18
CA SER A 269 -7.89 -38.78 -28.81
C SER A 269 -6.43 -39.15 -28.59
N ASN A 270 -5.67 -39.45 -29.64
CA ASN A 270 -4.27 -39.88 -29.57
C ASN A 270 -4.12 -41.12 -28.67
N ARG A 271 -4.55 -42.25 -29.24
CA ARG A 271 -4.62 -43.56 -28.62
C ARG A 271 -3.47 -43.94 -27.69
N GLY A 272 -2.24 -43.56 -28.05
CA GLY A 272 -1.11 -43.82 -27.19
C GLY A 272 -1.11 -43.08 -25.87
N PHE A 273 -1.94 -42.06 -25.72
CA PHE A 273 -2.09 -41.37 -24.45
C PHE A 273 -3.25 -41.93 -23.64
N THR A 274 -4.29 -42.43 -24.30
CA THR A 274 -5.40 -42.99 -23.53
C THR A 274 -5.17 -44.44 -23.13
N THR A 275 -4.32 -45.19 -23.86
CA THR A 275 -3.90 -46.47 -23.33
C THR A 275 -2.78 -46.32 -22.34
N SER A 276 -2.26 -45.11 -22.22
CA SER A 276 -1.23 -44.83 -21.24
C SER A 276 -1.89 -44.57 -19.90
N ASN A 277 -2.82 -43.63 -19.86
CA ASN A 277 -3.49 -43.29 -18.60
C ASN A 277 -4.44 -44.35 -18.12
N SER A 278 -4.84 -45.30 -18.96
CA SER A 278 -5.62 -46.39 -18.42
C SER A 278 -4.74 -47.35 -17.66
N ASN A 279 -3.49 -47.45 -18.04
CA ASN A 279 -2.64 -48.53 -17.53
C ASN A 279 -2.08 -48.22 -16.16
N ILE A 280 -1.96 -46.94 -15.81
CA ILE A 280 -1.37 -46.55 -14.54
C ILE A 280 -2.24 -47.00 -13.37
N TYR A 281 -3.56 -46.98 -13.53
CA TYR A 281 -4.43 -47.41 -12.48
C TYR A 281 -4.39 -48.92 -12.31
N LEU A 282 -4.19 -49.65 -13.41
CA LEU A 282 -4.11 -51.11 -13.32
C LEU A 282 -2.85 -51.53 -12.59
N LYS A 283 -1.70 -50.97 -12.97
CA LYS A 283 -0.50 -51.38 -12.27
C LYS A 283 -0.35 -50.68 -10.92
N GLY A 284 -1.27 -49.80 -10.55
CA GLY A 284 -1.38 -49.43 -9.15
C GLY A 284 -1.99 -50.54 -8.31
N ARG A 285 -2.96 -51.25 -8.87
CA ARG A 285 -3.58 -52.38 -8.20
C ARG A 285 -2.89 -53.69 -8.48
N GLU A 286 -1.63 -53.63 -8.88
CA GLU A 286 -0.85 -54.84 -9.08
C GLU A 286 -0.67 -55.71 -7.84
N PRO A 287 -0.47 -55.19 -6.58
CA PRO A 287 -0.34 -56.11 -5.44
C PRO A 287 -1.47 -57.08 -5.14
N ILE A 288 -2.62 -56.96 -5.82
CA ILE A 288 -3.59 -58.03 -5.71
C ILE A 288 -3.10 -59.27 -6.46
N THR A 289 -2.18 -59.12 -7.42
CA THR A 289 -1.58 -60.30 -8.03
C THR A 289 -0.55 -60.93 -7.11
N PHE A 290 0.21 -60.08 -6.40
CA PHE A 290 1.10 -60.56 -5.33
C PHE A 290 0.36 -61.39 -4.30
N LEU A 291 -0.84 -60.94 -3.90
CA LEU A 291 -1.68 -61.75 -3.03
C LEU A 291 -2.16 -63.01 -3.75
N SER A 292 -2.50 -62.89 -5.02
CA SER A 292 -3.08 -64.01 -5.75
C SER A 292 -2.09 -65.14 -5.94
N LYS A 293 -0.80 -64.83 -5.97
CA LYS A 293 0.20 -65.87 -6.10
C LYS A 293 0.40 -66.63 -4.80
N ARG A 294 0.05 -66.02 -3.67
CA ARG A 294 0.26 -66.65 -2.37
C ARG A 294 -0.68 -67.82 -2.15
N TYR A 295 -1.97 -67.55 -2.16
CA TYR A 295 -2.95 -68.55 -1.78
C TYR A 295 -3.40 -69.43 -2.94
N GLY A 296 -2.74 -69.32 -4.09
CA GLY A 296 -3.05 -70.20 -5.20
C GLY A 296 -4.40 -69.94 -5.84
N LEU A 297 -4.55 -68.79 -6.47
CA LEU A 297 -5.78 -68.41 -7.14
C LEU A 297 -5.44 -67.35 -8.17
N ASP A 298 -6.39 -67.04 -9.04
CA ASP A 298 -6.15 -66.12 -10.15
C ASP A 298 -6.97 -64.84 -9.98
N ILE A 299 -6.29 -63.74 -9.71
CA ILE A 299 -6.95 -62.44 -9.69
C ILE A 299 -6.14 -61.49 -10.58
N LYS A 300 -6.74 -61.07 -11.68
CA LYS A 300 -6.13 -60.13 -12.58
C LYS A 300 -6.91 -58.83 -12.54
N PRO A 301 -6.26 -57.71 -12.43
CA PRO A 301 -6.99 -56.44 -12.44
C PRO A 301 -7.50 -56.01 -13.80
N TYR A 302 -8.62 -56.55 -14.28
CA TYR A 302 -9.01 -56.14 -15.63
C TYR A 302 -9.71 -54.80 -15.59
N TYR A 303 -10.09 -54.31 -16.76
CA TYR A 303 -10.61 -52.95 -16.88
C TYR A 303 -11.97 -52.96 -17.55
N ASP A 304 -13.01 -52.77 -16.74
CA ASP A 304 -14.40 -53.03 -17.16
C ASP A 304 -14.88 -52.09 -18.25
N ASP A 305 -15.45 -52.67 -19.31
CA ASP A 305 -16.07 -51.94 -20.41
C ASP A 305 -17.31 -52.64 -20.95
N GLU A 306 -18.00 -53.41 -20.12
CA GLU A 306 -19.04 -54.31 -20.62
C GLU A 306 -20.42 -53.84 -20.14
N THR A 307 -21.41 -54.04 -21.01
CA THR A 307 -22.79 -53.65 -20.76
C THR A 307 -23.69 -54.62 -21.53
N THR A 308 -24.64 -55.21 -20.85
CA THR A 308 -25.07 -56.56 -21.13
C THR A 308 -26.42 -56.64 -21.86
N SER A 309 -26.93 -57.88 -21.99
CA SER A 309 -28.15 -58.41 -22.61
C SER A 309 -28.15 -58.43 -24.12
N LYS A 310 -27.16 -57.82 -24.71
CA LYS A 310 -26.92 -57.97 -26.12
C LYS A 310 -25.49 -58.37 -26.37
N ILE A 311 -24.55 -57.86 -25.57
CA ILE A 311 -23.19 -58.35 -25.64
C ILE A 311 -23.09 -59.77 -25.10
N SER A 312 -23.83 -60.07 -24.03
CA SER A 312 -23.85 -61.44 -23.56
C SER A 312 -24.61 -62.35 -24.50
N MET A 313 -25.45 -61.79 -25.38
CA MET A 313 -26.11 -62.65 -26.35
C MET A 313 -25.23 -62.90 -27.55
N VAL A 314 -24.52 -61.89 -28.04
CA VAL A 314 -23.69 -62.08 -29.22
C VAL A 314 -22.39 -62.82 -28.94
N ASP A 315 -22.04 -63.00 -27.67
CA ASP A 315 -20.83 -63.75 -27.35
C ASP A 315 -21.14 -65.20 -27.05
N THR A 316 -22.40 -65.58 -27.05
CA THR A 316 -22.77 -66.96 -26.79
C THR A 316 -23.75 -67.51 -27.82
N LEU A 317 -24.67 -66.66 -28.30
CA LEU A 317 -25.67 -66.97 -29.35
C LEU A 317 -26.58 -68.14 -28.95
N LYS A 319 -24.71 -72.70 -26.80
CA LYS A 319 -25.20 -73.16 -25.51
C LYS A 319 -26.64 -72.72 -25.32
N ASP A 320 -27.57 -73.67 -25.40
CA ASP A 320 -28.99 -73.35 -25.35
C ASP A 320 -29.48 -73.00 -23.96
N GLU A 321 -28.66 -73.19 -22.92
CA GLU A 321 -29.08 -72.84 -21.58
C GLU A 321 -29.18 -71.34 -21.42
N SER A 322 -28.40 -70.58 -22.19
CA SER A 322 -28.49 -69.14 -22.17
C SER A 322 -29.75 -68.62 -22.85
N SER A 323 -30.52 -69.49 -23.51
CA SER A 323 -31.85 -69.08 -23.97
C SER A 323 -32.85 -69.11 -22.82
N ASP A 324 -32.78 -70.15 -21.98
CA ASP A 324 -33.69 -70.25 -20.86
C ASP A 324 -33.37 -69.25 -19.76
N ILE A 325 -32.16 -68.70 -19.76
CA ILE A 325 -31.83 -67.62 -18.84
C ILE A 325 -32.57 -66.35 -19.24
N ASN A 326 -32.34 -65.87 -20.45
CA ASN A 326 -32.92 -64.60 -20.86
C ASN A 326 -34.35 -64.77 -21.37
N GLY A 327 -34.52 -65.50 -22.45
CA GLY A 327 -35.82 -65.66 -23.08
C GLY A 327 -35.76 -65.45 -24.58
N ARG B 3 -27.96 -3.78 -15.23
CA ARG B 3 -27.03 -2.90 -14.56
C ARG B 3 -27.76 -1.68 -14.08
N TYR B 4 -27.51 -1.28 -12.83
CA TYR B 4 -28.30 -0.25 -12.21
C TYR B 4 -27.41 0.59 -11.30
N THR B 5 -27.59 1.90 -11.36
CA THR B 5 -26.94 2.85 -10.47
C THR B 5 -27.98 3.89 -10.07
N MET B 6 -27.48 5.01 -9.58
CA MET B 6 -28.29 6.17 -9.21
C MET B 6 -29.13 6.68 -10.38
N THR B 7 -30.34 7.18 -10.09
CA THR B 7 -31.15 7.88 -11.07
C THR B 7 -30.99 9.38 -10.89
N LEU B 8 -31.82 10.15 -11.58
CA LEU B 8 -31.74 11.60 -11.44
C LEU B 8 -32.95 12.21 -10.76
N TYR B 9 -34.11 11.57 -10.85
CA TYR B 9 -35.24 11.95 -10.02
C TYR B 9 -34.92 11.80 -8.54
N ASP B 10 -34.26 10.70 -8.18
CA ASP B 10 -33.93 10.45 -6.79
C ASP B 10 -32.93 11.47 -6.26
N PHE B 11 -32.10 12.02 -7.15
CA PHE B 11 -31.11 13.00 -6.71
C PHE B 11 -31.77 14.27 -6.23
N ILE B 12 -32.52 14.93 -7.10
CA ILE B 12 -33.09 16.20 -6.72
C ILE B 12 -34.24 16.01 -5.76
N LYS B 13 -34.84 14.82 -5.70
CA LYS B 13 -35.80 14.56 -4.64
C LYS B 13 -35.10 14.53 -3.28
N SER B 14 -33.98 13.81 -3.19
CA SER B 14 -33.29 13.73 -1.92
C SER B 14 -32.62 15.03 -1.55
N GLU B 15 -32.18 15.80 -2.53
CA GLU B 15 -31.55 17.06 -2.17
C GLU B 15 -32.58 18.13 -1.84
N LEU B 16 -33.79 18.02 -2.38
CA LEU B 16 -34.84 18.95 -2.00
C LEU B 16 -35.44 18.58 -0.66
N ILE B 17 -35.45 17.29 -0.33
CA ILE B 17 -35.91 16.89 1.00
C ILE B 17 -34.83 17.14 2.04
N LYS B 18 -33.58 17.35 1.61
CA LYS B 18 -32.58 17.81 2.56
C LYS B 18 -32.87 19.23 3.00
N LYS B 19 -33.55 20.00 2.16
CA LYS B 19 -33.78 21.42 2.39
C LYS B 19 -35.14 21.65 3.05
N GLY B 20 -35.51 20.74 3.96
CA GLY B 20 -36.62 20.97 4.85
C GLY B 20 -37.99 20.61 4.32
N PHE B 21 -38.10 20.31 3.04
CA PHE B 21 -39.40 20.01 2.46
C PHE B 21 -39.86 18.61 2.84
N ASN B 22 -41.09 18.30 2.44
CA ASN B 22 -41.73 17.03 2.72
C ASN B 22 -42.93 16.95 1.81
N GLU B 23 -43.56 15.78 1.76
CA GLU B 23 -44.76 15.61 0.94
C GLU B 23 -45.92 14.96 1.65
N PHE B 24 -45.74 14.43 2.85
CA PHE B 24 -46.83 13.71 3.50
C PHE B 24 -47.49 14.48 4.62
N VAL B 25 -46.70 15.02 5.55
CA VAL B 25 -47.20 15.60 6.78
C VAL B 25 -46.78 17.05 6.93
N ASN B 26 -46.74 17.80 5.81
CA ASN B 26 -45.95 19.02 5.65
C ASN B 26 -46.24 20.08 6.71
N ASP B 27 -47.48 20.57 6.81
CA ASP B 27 -47.76 21.56 7.85
C ASP B 27 -48.26 20.85 9.10
N ASN B 28 -49.49 20.37 9.06
CA ASN B 28 -49.93 19.30 9.95
C ASN B 28 -50.91 18.37 9.29
N LYS B 29 -51.59 18.81 8.23
CA LYS B 29 -52.61 18.03 7.59
C LYS B 29 -52.00 17.08 6.58
N LEU B 30 -52.73 15.99 6.30
CA LEU B 30 -52.25 14.98 5.39
C LEU B 30 -52.27 15.53 3.98
N THR B 31 -51.09 15.76 3.42
CA THR B 31 -50.95 16.45 2.15
C THR B 31 -50.40 15.54 1.06
N PHE B 32 -50.61 14.23 1.16
CA PHE B 32 -50.16 13.32 0.12
C PHE B 32 -50.90 13.53 -1.18
N TYR B 33 -52.17 13.87 -1.12
CA TYR B 33 -52.99 14.02 -2.31
C TYR B 33 -52.94 15.41 -2.91
N ASP B 34 -52.37 16.39 -2.21
CA ASP B 34 -52.44 17.78 -2.66
C ASP B 34 -51.35 18.05 -3.69
N ASP B 35 -51.78 18.47 -4.89
CA ASP B 35 -50.88 18.50 -6.05
C ASP B 35 -49.79 19.55 -5.98
N GLU B 36 -49.89 20.54 -5.11
CA GLU B 36 -48.84 21.54 -5.07
C GLU B 36 -47.74 21.21 -4.08
N PHE B 37 -47.70 19.99 -3.57
CA PHE B 37 -46.70 19.66 -2.57
C PHE B 37 -45.81 18.48 -2.91
N GLN B 38 -46.28 17.48 -3.65
CA GLN B 38 -45.37 16.38 -3.89
C GLN B 38 -44.41 16.72 -5.02
N PHE B 39 -43.26 16.05 -5.01
CA PHE B 39 -42.07 16.56 -5.67
C PHE B 39 -42.16 16.46 -7.18
N MET B 40 -42.95 15.52 -7.68
CA MET B 40 -43.04 15.30 -9.11
C MET B 40 -43.68 16.50 -9.79
N GLN B 41 -44.64 17.14 -9.12
CA GLN B 41 -45.20 18.35 -9.67
C GLN B 41 -44.23 19.51 -9.59
N LYS B 42 -43.37 19.53 -8.57
CA LYS B 42 -42.39 20.60 -8.49
C LYS B 42 -41.31 20.45 -9.54
N MET B 43 -41.11 19.25 -10.06
CA MET B 43 -40.12 19.06 -11.10
C MET B 43 -40.71 19.23 -12.49
N LEU B 44 -41.99 18.92 -12.66
CA LEU B 44 -42.62 19.15 -13.95
C LEU B 44 -43.00 20.61 -14.15
N LYS B 45 -43.52 21.27 -13.12
CA LYS B 45 -43.67 22.72 -13.19
C LYS B 45 -42.33 23.39 -13.28
N PHE B 46 -41.34 22.83 -12.59
CA PHE B 46 -39.95 23.27 -12.59
C PHE B 46 -39.85 24.72 -12.10
N ASP B 47 -40.15 24.87 -10.82
CA ASP B 47 -40.28 26.18 -10.18
C ASP B 47 -38.90 26.81 -9.96
N LYS B 48 -38.89 27.88 -9.17
CA LYS B 48 -37.63 28.49 -8.75
C LYS B 48 -36.78 27.53 -7.93
N ASP B 49 -37.42 26.63 -7.18
CA ASP B 49 -36.71 25.85 -6.18
C ASP B 49 -35.87 24.75 -6.83
N VAL B 50 -36.49 23.96 -7.70
CA VAL B 50 -35.77 22.91 -8.42
C VAL B 50 -34.74 23.53 -9.35
N LEU B 51 -35.05 24.70 -9.91
CA LEU B 51 -34.10 25.43 -10.73
C LEU B 51 -32.86 25.80 -9.94
N ALA B 52 -33.03 26.22 -8.69
CA ALA B 52 -31.89 26.56 -7.86
C ALA B 52 -31.06 25.31 -7.53
N ILE B 53 -31.73 24.19 -7.28
CA ILE B 53 -30.93 23.03 -6.87
C ILE B 53 -30.25 22.37 -8.07
N VAL B 54 -30.82 22.50 -9.27
CA VAL B 54 -30.15 22.00 -10.45
C VAL B 54 -28.99 22.91 -10.82
N ASN B 55 -29.19 24.22 -10.72
CA ASN B 55 -28.14 25.16 -11.09
C ASN B 55 -27.01 25.19 -10.06
N GLU B 56 -27.22 24.59 -8.89
CA GLU B 56 -26.11 24.49 -7.95
C GLU B 56 -25.43 23.12 -7.97
N LYS B 57 -26.15 22.04 -8.20
CA LYS B 57 -25.50 20.74 -8.08
C LYS B 57 -25.14 20.09 -9.40
N VAL B 58 -25.80 20.46 -10.49
CA VAL B 58 -25.57 19.84 -11.79
C VAL B 58 -24.81 20.76 -12.73
N PHE B 59 -25.09 22.05 -12.67
CA PHE B 59 -24.51 23.04 -13.56
C PHE B 59 -23.65 23.97 -12.75
N LYS B 60 -22.75 23.40 -11.93
CA LYS B 60 -22.14 24.06 -10.77
C LYS B 60 -21.39 25.34 -11.11
N GLY B 61 -21.00 25.54 -12.37
CA GLY B 61 -20.39 26.78 -12.78
C GLY B 61 -20.83 27.24 -14.15
N PHE B 62 -22.11 27.08 -14.48
CA PHE B 62 -22.57 27.42 -15.81
C PHE B 62 -23.83 28.28 -15.79
N SER B 63 -23.90 29.19 -16.74
CA SER B 63 -25.15 29.76 -17.23
C SER B 63 -25.00 29.98 -18.73
N LEU B 64 -26.12 29.99 -19.45
CA LEU B 64 -26.11 30.23 -20.88
C LEU B 64 -25.99 31.73 -21.15
N LYS B 65 -26.28 32.15 -22.39
CA LYS B 65 -26.15 33.56 -22.72
C LYS B 65 -27.26 34.40 -22.10
N ASP B 66 -28.50 34.13 -22.50
CA ASP B 66 -29.63 34.91 -22.03
C ASP B 66 -30.13 34.37 -20.69
N GLU B 67 -31.22 34.95 -20.22
CA GLU B 67 -31.88 34.51 -19.00
C GLU B 67 -33.26 33.95 -19.24
N LEU B 68 -33.78 34.07 -20.46
CA LEU B 68 -35.02 33.42 -20.83
C LEU B 68 -34.81 32.12 -21.58
N SER B 69 -33.72 32.02 -22.33
CA SER B 69 -33.35 30.76 -22.94
C SER B 69 -32.75 29.81 -21.94
N ASP B 70 -32.08 30.33 -20.92
CA ASP B 70 -31.33 29.48 -20.00
C ASP B 70 -32.27 28.68 -19.12
N LEU B 71 -33.37 29.29 -18.69
CA LEU B 71 -34.43 28.53 -18.03
C LEU B 71 -35.03 27.49 -18.95
N LEU B 72 -35.14 27.79 -20.24
CA LEU B 72 -35.70 26.82 -21.17
C LEU B 72 -34.77 25.64 -21.35
N PHE B 73 -33.46 25.88 -21.40
CA PHE B 73 -32.51 24.79 -21.53
C PHE B 73 -32.46 23.94 -20.27
N LYS B 74 -32.47 24.57 -19.10
CA LYS B 74 -32.38 23.77 -17.88
C LYS B 74 -33.67 23.00 -17.62
N LYS B 75 -34.80 23.56 -18.03
CA LYS B 75 -36.06 22.80 -17.98
C LYS B 75 -36.02 21.62 -18.93
N SER B 76 -35.63 21.87 -20.18
CA SER B 76 -35.63 20.82 -21.19
C SER B 76 -34.55 19.78 -20.96
N PHE B 77 -33.60 20.07 -20.09
CA PHE B 77 -32.70 19.02 -19.66
C PHE B 77 -33.30 18.20 -18.53
N THR B 78 -33.73 18.84 -17.47
CA THR B 78 -33.99 18.06 -16.26
C THR B 78 -35.34 17.37 -16.24
N ILE B 79 -36.23 17.61 -17.21
CA ILE B 79 -37.47 16.86 -17.27
C ILE B 79 -37.49 15.88 -18.41
N HIS B 80 -36.46 15.88 -19.24
CA HIS B 80 -36.24 14.75 -20.12
C HIS B 80 -35.62 13.59 -19.37
N PHE B 81 -34.78 13.89 -18.39
CA PHE B 81 -33.94 12.90 -17.74
C PHE B 81 -34.32 12.65 -16.29
N LEU B 82 -35.60 12.60 -15.91
CA LEU B 82 -35.85 12.46 -14.48
C LEU B 82 -35.59 11.03 -14.04
N ASP B 83 -36.40 10.10 -14.54
CA ASP B 83 -36.21 8.69 -14.24
C ASP B 83 -35.31 8.05 -15.28
N ARG B 84 -34.13 8.60 -15.48
CA ARG B 84 -33.29 8.02 -16.51
C ARG B 84 -32.26 7.03 -15.98
N GLU B 85 -31.17 7.55 -15.41
CA GLU B 85 -29.95 6.79 -15.08
C GLU B 85 -28.86 7.73 -14.63
N ILE B 86 -27.69 7.21 -14.31
CA ILE B 86 -26.47 8.00 -14.31
C ILE B 86 -25.38 7.11 -14.87
N ASN B 87 -24.36 7.70 -15.49
CA ASN B 87 -23.38 6.91 -16.22
C ASN B 87 -22.08 6.73 -15.45
N ARG B 88 -21.46 7.81 -15.01
CA ARG B 88 -20.12 7.72 -14.46
C ARG B 88 -20.13 7.58 -12.95
N GLN B 89 -21.13 6.91 -12.42
CA GLN B 89 -21.10 6.17 -11.16
C GLN B 89 -21.13 7.01 -9.89
N THR B 90 -21.03 8.33 -9.97
CA THR B 90 -21.07 9.14 -8.76
C THR B 90 -21.54 10.54 -9.13
N VAL B 91 -22.51 11.07 -8.38
CA VAL B 91 -22.89 12.46 -8.57
C VAL B 91 -21.78 13.33 -7.98
N GLU B 92 -21.69 14.57 -8.47
CA GLU B 92 -20.52 15.45 -8.35
C GLU B 92 -19.26 14.78 -8.90
N ALA B 93 -19.45 13.79 -9.77
CA ALA B 93 -18.37 13.18 -10.51
C ALA B 93 -18.82 12.82 -11.92
N PHE B 94 -20.04 13.16 -12.31
CA PHE B 94 -20.33 13.24 -13.73
C PHE B 94 -20.22 14.73 -14.12
N GLY B 95 -18.96 15.18 -14.02
CA GLY B 95 -18.51 16.42 -14.59
C GLY B 95 -18.36 16.37 -16.09
N MET B 96 -18.61 15.21 -16.71
CA MET B 96 -18.79 15.14 -18.15
C MET B 96 -20.02 15.94 -18.59
N GLN B 97 -20.97 16.15 -17.68
CA GLN B 97 -22.13 16.97 -18.02
C GLN B 97 -21.74 18.42 -18.24
N VAL B 98 -20.78 18.93 -17.47
CA VAL B 98 -20.44 20.33 -17.60
C VAL B 98 -19.68 20.57 -18.89
N ILE B 99 -18.90 19.60 -19.35
CA ILE B 99 -18.19 19.84 -20.60
C ILE B 99 -19.08 19.64 -21.80
N THR B 100 -20.04 18.69 -21.75
CA THR B 100 -20.97 18.59 -22.87
C THR B 100 -21.96 19.73 -22.88
N VAL B 101 -22.09 20.42 -21.75
CA VAL B 101 -22.65 21.77 -21.79
C VAL B 101 -21.69 22.71 -22.48
N CYS B 102 -20.39 22.62 -22.17
CA CYS B 102 -19.43 23.62 -22.61
C CYS B 102 -19.09 23.46 -24.10
N ILE B 103 -20.12 23.68 -24.92
CA ILE B 103 -20.00 23.98 -26.35
C ILE B 103 -21.02 25.09 -26.65
N THR B 104 -20.76 25.83 -27.73
CA THR B 104 -21.45 27.07 -28.03
C THR B 104 -22.60 26.90 -29.02
N HIS B 105 -23.30 25.78 -28.94
CA HIS B 105 -24.50 25.53 -29.74
C HIS B 105 -25.71 26.04 -28.96
N GLU B 106 -25.68 27.33 -28.63
CA GLU B 106 -26.74 27.97 -27.86
C GLU B 106 -27.73 28.62 -28.82
N ASP B 107 -28.55 27.77 -29.42
CA ASP B 107 -29.62 28.17 -30.31
C ASP B 107 -30.93 27.62 -29.79
N TYR B 108 -31.19 27.95 -28.54
CA TYR B 108 -32.46 27.72 -27.86
C TYR B 108 -33.41 28.90 -27.91
N LEU B 109 -33.02 30.06 -28.44
CA LEU B 109 -33.96 31.16 -28.46
C LEU B 109 -33.71 32.04 -29.67
N ASN B 110 -34.80 32.49 -30.28
CA ASN B 110 -34.81 33.37 -31.46
C ASN B 110 -33.96 32.78 -32.57
N VAL B 111 -34.40 31.64 -33.07
CA VAL B 111 -33.79 31.01 -34.23
C VAL B 111 -34.40 31.67 -35.45
N VAL B 112 -33.70 32.68 -35.99
CA VAL B 112 -34.12 33.26 -37.25
C VAL B 112 -33.19 32.78 -38.34
N TYR B 113 -33.57 31.68 -38.96
CA TYR B 113 -32.87 31.21 -40.14
C TYR B 113 -33.81 31.02 -41.32
N SER B 114 -34.99 31.62 -41.25
CA SER B 114 -35.59 32.19 -42.44
C SER B 114 -34.66 33.33 -42.85
N SER B 115 -33.89 33.13 -43.92
CA SER B 115 -32.49 33.57 -44.06
C SER B 115 -32.05 34.87 -43.40
N SER B 116 -32.84 35.94 -43.52
CA SER B 116 -32.66 37.21 -42.81
C SER B 116 -31.27 37.83 -43.05
N GLU B 117 -31.01 38.17 -44.31
CA GLU B 117 -29.73 38.77 -44.67
C GLU B 117 -29.70 40.21 -44.18
N VAL B 118 -28.84 40.52 -43.23
CA VAL B 118 -28.67 41.88 -42.77
C VAL B 118 -27.48 42.48 -43.48
N GLU B 119 -27.64 43.67 -44.03
CA GLU B 119 -26.58 44.41 -44.71
C GLU B 119 -26.20 45.63 -43.89
N LYS B 120 -25.04 46.19 -44.20
CA LYS B 120 -24.67 47.54 -43.84
C LYS B 120 -23.88 48.12 -44.99
N TYR B 121 -23.89 49.44 -45.11
CA TYR B 121 -23.09 50.07 -46.14
C TYR B 121 -22.71 51.46 -45.67
N LEU B 122 -21.58 51.57 -44.98
CA LEU B 122 -21.09 52.87 -44.57
C LEU B 122 -20.26 53.44 -45.72
N GLN B 123 -20.24 54.77 -45.82
CA GLN B 123 -19.58 55.40 -46.94
C GLN B 123 -19.25 56.84 -46.59
N SER B 124 -17.98 57.18 -46.60
CA SER B 124 -17.58 58.57 -46.43
C SER B 124 -16.91 59.05 -47.71
N GLN B 125 -16.58 60.34 -47.73
CA GLN B 125 -16.07 60.96 -48.95
C GLN B 125 -15.45 62.31 -48.60
N GLY B 126 -14.26 62.57 -49.12
CA GLY B 126 -13.61 63.84 -48.93
C GLY B 126 -13.16 64.39 -50.28
N PHE B 127 -13.16 65.71 -50.40
CA PHE B 127 -13.03 66.32 -51.71
C PHE B 127 -12.65 67.78 -51.55
N THR B 128 -11.49 68.18 -52.04
CA THR B 128 -11.20 69.60 -52.18
C THR B 128 -11.01 69.90 -53.65
N GLU B 129 -10.71 71.16 -53.94
CA GLU B 129 -10.66 71.66 -55.29
C GLU B 129 -9.96 73.00 -55.27
N HIS B 130 -9.40 73.41 -56.40
CA HIS B 130 -8.76 74.72 -56.48
C HIS B 130 -8.80 75.19 -57.92
N ASN B 131 -8.75 76.50 -58.10
CA ASN B 131 -8.69 77.11 -59.43
C ASN B 131 -7.80 78.33 -59.40
N GLU B 132 -7.24 78.67 -60.55
CA GLU B 132 -6.56 79.94 -60.78
C GLU B 132 -6.84 80.34 -62.21
N ASP B 133 -7.64 81.38 -62.41
CA ASP B 133 -8.06 81.77 -63.75
C ASP B 133 -7.62 83.21 -63.98
N THR B 134 -6.59 83.41 -64.78
CA THR B 134 -6.06 84.74 -65.07
C THR B 134 -6.20 85.02 -66.56
N THR B 135 -6.86 86.11 -66.89
CA THR B 135 -6.91 86.61 -68.26
C THR B 135 -6.16 87.93 -68.32
N SER B 136 -5.91 88.40 -69.54
CA SER B 136 -5.32 89.71 -69.75
C SER B 136 -5.62 90.16 -71.16
N ASN B 137 -6.37 91.25 -71.29
CA ASN B 137 -6.74 91.84 -72.57
C ASN B 137 -5.75 92.92 -72.96
N THR B 138 -5.55 93.08 -74.27
CA THR B 138 -4.91 94.24 -74.88
C THR B 138 -5.68 94.60 -76.13
N ASP B 139 -6.03 95.87 -76.29
CA ASP B 139 -6.75 96.31 -77.48
C ASP B 139 -6.61 97.81 -77.69
N GLU B 140 -6.48 98.20 -78.95
CA GLU B 140 -6.36 99.59 -79.34
C GLU B 140 -7.14 99.82 -80.62
N THR B 141 -7.57 101.07 -80.82
CA THR B 141 -8.41 101.44 -81.95
C THR B 141 -7.80 102.64 -82.65
N SER B 142 -8.41 102.98 -83.78
CA SER B 142 -8.10 104.20 -84.53
C SER B 142 -9.23 104.43 -85.51
N ASN B 143 -9.32 105.66 -86.01
CA ASN B 143 -10.33 106.01 -87.01
C ASN B 143 -9.84 107.21 -87.83
N GLN B 144 -10.73 107.69 -88.69
CA GLN B 144 -10.54 108.92 -89.44
C GLN B 144 -11.91 109.44 -89.82
N ASN B 145 -12.04 110.75 -89.95
CA ASN B 145 -13.36 111.36 -90.01
C ASN B 145 -13.43 112.42 -91.10
N ALA B 146 -13.08 112.06 -92.33
CA ALA B 146 -13.16 113.01 -93.44
C ALA B 146 -14.61 113.38 -93.69
N THR B 147 -14.99 114.59 -93.27
CA THR B 147 -16.34 115.10 -93.41
C THR B 147 -16.32 116.33 -94.31
N SER B 148 -17.50 116.69 -94.80
CA SER B 148 -17.67 117.87 -95.64
C SER B 148 -19.13 118.26 -95.68
N LEU B 149 -19.36 119.52 -96.04
CA LEU B 149 -20.69 120.04 -96.29
C LEU B 149 -20.54 121.26 -97.18
N ASP B 150 -21.41 121.38 -98.19
CA ASP B 150 -21.34 122.48 -99.14
C ASP B 150 -22.71 123.17 -99.15
N ASN B 151 -22.92 124.10 -98.23
CA ASN B 151 -24.15 124.89 -98.21
C ASN B 151 -24.16 125.87 -99.37
N SER B 152 -25.35 126.34 -99.72
CA SER B 152 -25.51 127.34 -100.77
C SER B 152 -26.81 128.10 -100.54
N THR B 153 -26.73 129.43 -100.54
CA THR B 153 -27.90 130.26 -100.42
C THR B 153 -28.49 130.53 -101.81
N GLY B 154 -29.38 131.50 -101.91
CA GLY B 154 -29.95 131.88 -103.18
C GLY B 154 -29.24 133.08 -103.81
N ASN B 184 -21.84 133.60 -98.51
CA ASN B 184 -22.55 133.38 -99.75
C ASN B 184 -23.03 131.94 -99.87
N ASN B 185 -22.08 131.02 -100.02
CA ASN B 185 -22.33 129.61 -100.28
C ASN B 185 -21.45 128.73 -99.39
N THR B 186 -21.53 128.97 -98.07
CA THR B 186 -20.52 128.58 -97.09
C THR B 186 -20.19 127.09 -97.09
N ILE B 187 -18.90 126.80 -96.94
CA ILE B 187 -18.32 125.47 -97.09
C ILE B 187 -17.48 125.19 -95.85
N ASP B 188 -17.54 123.96 -95.34
CA ASP B 188 -16.70 123.54 -94.24
C ASP B 188 -16.18 122.13 -94.49
N ASN B 189 -15.06 121.81 -93.83
CA ASN B 189 -14.43 120.51 -93.92
C ASN B 189 -13.84 120.16 -92.56
N GLY B 190 -14.07 118.93 -92.11
CA GLY B 190 -13.64 118.53 -90.79
C GLY B 190 -12.95 117.18 -90.80
N LYS B 191 -12.02 117.01 -89.86
CA LYS B 191 -11.31 115.76 -89.62
C LYS B 191 -11.24 115.53 -88.13
N THR B 192 -11.55 114.31 -87.68
CA THR B 192 -11.20 113.92 -86.31
C THR B 192 -10.42 112.61 -86.37
N VAL B 193 -9.41 112.51 -85.52
CA VAL B 193 -8.61 111.30 -85.36
C VAL B 193 -8.68 110.89 -83.90
N ASN B 194 -9.20 109.70 -83.64
CA ASN B 194 -9.52 109.26 -82.29
C ASN B 194 -9.02 107.83 -82.08
N LYS B 195 -7.78 107.69 -81.65
CA LYS B 195 -7.32 106.41 -81.13
C LYS B 195 -7.81 106.26 -79.70
N SER B 196 -7.88 105.02 -79.24
CA SER B 196 -8.27 104.73 -77.87
C SER B 196 -7.67 103.39 -77.48
N SER B 197 -6.56 103.42 -76.76
CA SER B 197 -5.98 102.18 -76.28
C SER B 197 -6.71 101.70 -75.03
N ASN B 198 -6.52 100.43 -74.72
CA ASN B 198 -7.20 99.81 -73.59
C ASN B 198 -6.45 98.55 -73.23
N GLU B 199 -6.55 98.17 -71.95
CA GLU B 199 -6.16 96.85 -71.50
C GLU B 199 -6.85 96.55 -70.20
N SER B 200 -6.96 95.25 -69.90
CA SER B 200 -7.63 94.78 -68.71
C SER B 200 -7.05 93.43 -68.36
N ASN B 201 -6.88 93.17 -67.07
CA ASN B 201 -6.45 91.86 -66.62
C ASN B 201 -7.06 91.55 -65.27
N GLN B 202 -7.52 90.33 -65.11
CA GLN B 202 -8.08 89.91 -63.84
C GLN B 202 -7.64 88.49 -63.54
N ASN B 203 -7.52 88.20 -62.25
CA ASN B 203 -7.31 86.87 -61.73
C ASN B 203 -8.54 86.41 -60.99
N ALA B 204 -8.64 85.11 -60.77
CA ALA B 204 -9.80 84.53 -60.09
C ALA B 204 -9.38 83.19 -59.52
N LYS B 205 -9.57 82.98 -58.24
CA LYS B 205 -9.28 81.70 -57.62
C LYS B 205 -10.51 81.17 -56.92
N ARG B 206 -10.70 79.86 -56.98
CA ARG B 206 -11.84 79.20 -56.38
C ARG B 206 -11.34 78.11 -55.45
N ASN B 207 -12.19 77.73 -54.51
CA ASN B 207 -11.82 76.69 -53.55
C ASN B 207 -13.11 75.98 -53.15
N GLN B 208 -13.42 74.88 -53.82
CA GLN B 208 -14.64 74.14 -53.57
C GLN B 208 -14.33 73.01 -52.61
N ASN B 209 -14.48 73.27 -51.33
CA ASN B 209 -14.40 72.20 -50.33
C ASN B 209 -15.71 71.46 -50.32
N GLN B 210 -15.66 70.19 -49.91
CA GLN B 210 -16.72 69.26 -50.24
C GLN B 210 -16.58 67.99 -49.42
N LYS B 211 -17.70 67.40 -49.00
CA LYS B 211 -17.68 66.07 -48.41
C LYS B 211 -19.05 65.43 -48.57
N GLY B 212 -19.07 64.10 -48.52
CA GLY B 212 -20.30 63.33 -48.60
C GLY B 212 -20.42 62.37 -47.43
N ASN B 213 -21.50 61.59 -47.47
CA ASN B 213 -21.77 60.51 -46.53
C ASN B 213 -22.91 59.69 -47.08
N ALA B 214 -22.99 58.42 -46.66
CA ALA B 214 -24.05 57.52 -47.06
C ALA B 214 -24.06 56.35 -46.09
N LYS B 215 -25.24 55.89 -45.69
CA LYS B 215 -25.37 54.74 -44.79
C LYS B 215 -26.48 53.81 -45.27
N GLY B 216 -26.13 52.88 -46.17
CA GLY B 216 -27.11 51.92 -46.64
C GLY B 216 -27.41 50.85 -45.59
N THR B 217 -28.51 50.13 -45.80
CA THR B 217 -28.93 49.04 -44.92
C THR B 217 -29.96 48.21 -45.66
N GLN B 218 -29.80 46.88 -45.67
CA GLN B 218 -30.85 45.99 -46.15
C GLN B 218 -31.17 44.96 -45.08
N PHE B 219 -32.38 44.42 -45.15
CA PHE B 219 -32.84 43.46 -44.15
C PHE B 219 -33.63 42.35 -44.82
N THR B 220 -33.10 41.80 -45.90
CA THR B 220 -33.85 40.84 -46.70
C THR B 220 -33.95 39.48 -46.04
N LYS B 221 -35.19 39.04 -45.84
CA LYS B 221 -35.51 37.70 -45.36
C LYS B 221 -36.20 36.93 -46.47
N GLN B 222 -36.07 35.60 -46.45
CA GLN B 222 -36.19 34.83 -47.68
C GLN B 222 -37.33 33.82 -47.68
N TYR B 223 -37.42 32.97 -46.65
CA TYR B 223 -38.41 31.88 -46.50
C TYR B 223 -38.32 30.85 -47.62
N LEU B 224 -37.20 30.10 -47.69
CA LEU B 224 -37.34 28.89 -48.50
C LEU B 224 -38.15 27.85 -47.72
N ILE B 225 -38.75 26.91 -48.46
CA ILE B 225 -39.61 25.92 -47.84
C ILE B 225 -38.82 24.88 -47.05
N ASP B 226 -37.71 24.41 -47.60
CA ASP B 226 -37.04 23.27 -46.99
C ASP B 226 -36.12 23.64 -45.84
N ASN B 227 -36.19 24.87 -45.33
CA ASN B 227 -35.36 25.16 -44.18
C ASN B 227 -35.94 24.58 -42.92
N ILE B 228 -37.26 24.38 -42.85
CA ILE B 228 -37.83 23.80 -41.65
C ILE B 228 -37.50 22.32 -41.54
N ASP B 229 -37.29 21.66 -42.68
CA ASP B 229 -36.81 20.29 -42.67
C ASP B 229 -35.43 20.21 -42.04
N LYS B 230 -34.57 21.17 -42.35
CA LYS B 230 -33.28 21.24 -41.69
C LYS B 230 -33.41 21.74 -40.27
N ALA B 231 -34.51 22.39 -39.93
CA ALA B 231 -34.70 22.95 -38.60
C ALA B 231 -35.52 22.04 -37.70
N TYR B 232 -35.86 20.84 -38.18
CA TYR B 232 -36.60 19.91 -37.33
C TYR B 232 -35.78 19.42 -36.15
N ASP B 233 -34.48 19.26 -36.32
CA ASP B 233 -33.67 18.63 -35.30
C ASP B 233 -32.55 19.53 -34.79
N LEU B 234 -32.84 20.80 -34.53
CA LEU B 234 -31.80 21.67 -34.04
C LEU B 234 -31.47 21.37 -32.59
N ARG B 235 -32.44 20.91 -31.84
CA ARG B 235 -32.23 20.59 -30.45
C ARG B 235 -32.09 19.10 -30.21
N LYS B 236 -32.47 18.27 -31.18
CA LYS B 236 -32.42 16.82 -30.96
C LYS B 236 -30.98 16.33 -30.86
N LYS B 237 -30.11 16.82 -31.74
CA LYS B 237 -28.73 16.35 -31.73
C LYS B 237 -27.91 16.92 -30.61
N ILE B 238 -28.45 17.85 -29.82
CA ILE B 238 -27.73 18.29 -28.62
C ILE B 238 -28.39 17.61 -27.43
N LEU B 239 -29.64 17.19 -27.58
CA LEU B 239 -30.29 16.62 -26.42
C LEU B 239 -29.91 15.16 -26.27
N ASN B 240 -29.82 14.41 -27.37
CA ASN B 240 -29.37 13.03 -27.21
C ASN B 240 -27.85 12.94 -27.04
N GLU B 241 -27.14 14.05 -27.18
CA GLU B 241 -25.72 14.06 -26.89
C GLU B 241 -25.46 13.74 -25.43
N PHE B 242 -26.34 14.18 -24.55
CA PHE B 242 -26.25 13.80 -23.16
C PHE B 242 -26.51 12.32 -22.97
N ASP B 243 -27.42 11.72 -23.75
CA ASP B 243 -27.57 10.27 -23.73
C ASP B 243 -26.32 9.56 -24.19
N LYS B 244 -25.61 10.15 -25.15
CA LYS B 244 -24.41 9.51 -25.65
C LYS B 244 -23.29 9.56 -24.62
N LYS B 245 -23.17 10.65 -23.87
CA LYS B 245 -21.97 10.85 -23.08
C LYS B 245 -22.16 10.94 -21.58
N CYS B 246 -23.38 10.93 -21.07
CA CYS B 246 -23.58 11.18 -19.65
C CYS B 246 -24.58 10.27 -18.98
N PHE B 247 -25.25 9.40 -19.71
CA PHE B 247 -26.28 8.57 -19.11
C PHE B 247 -26.13 7.13 -19.53
N LEU B 248 -26.45 6.24 -18.60
CA LEU B 248 -26.23 4.81 -18.74
C LEU B 248 -27.17 4.28 -19.81
N GLN B 249 -26.62 4.03 -21.01
CA GLN B 249 -27.41 3.57 -22.14
C GLN B 249 -27.47 2.05 -22.13
N ILE B 250 -28.11 1.54 -21.07
CA ILE B 250 -28.46 0.13 -20.95
C ILE B 250 -29.61 0.09 -19.96
N TRP B 251 -30.36 -0.99 -19.94
CA TRP B 251 -31.38 -1.15 -18.93
C TRP B 251 -30.80 -1.32 -17.54
N PHE C 8 30.98 5.00 18.41
CA PHE C 8 30.79 4.03 17.34
C PHE C 8 31.00 4.69 16.00
N LYS C 9 32.17 5.29 15.82
CA LYS C 9 32.45 6.11 14.66
C LYS C 9 33.40 5.39 13.73
N TYR C 10 32.86 4.92 12.62
CA TYR C 10 33.56 4.04 11.70
C TYR C 10 33.33 4.55 10.28
N PHE C 11 34.29 5.32 9.78
CA PHE C 11 34.32 5.56 8.35
C PHE C 11 34.69 4.25 7.68
N ASP C 12 33.66 3.55 7.20
CA ASP C 12 33.80 2.14 6.84
C ASP C 12 34.75 1.97 5.65
N ASP C 13 34.30 2.36 4.46
CA ASP C 13 35.01 2.78 3.26
C ASP C 13 33.97 3.09 2.19
N ILE C 14 34.34 3.81 1.15
CA ILE C 14 33.35 4.41 0.26
C ILE C 14 32.95 3.48 -0.88
N ARG C 15 33.88 2.67 -1.39
CA ARG C 15 33.63 1.82 -2.55
C ARG C 15 32.68 0.64 -2.32
N PRO C 16 32.74 -0.13 -1.19
CA PRO C 16 31.80 -1.25 -1.07
C PRO C 16 30.39 -0.85 -0.64
N PHE C 17 30.08 0.44 -0.67
CA PHE C 17 28.71 0.87 -0.58
C PHE C 17 28.12 1.30 -1.90
N LEU C 18 28.93 1.83 -2.80
CA LEU C 18 28.41 2.26 -4.10
C LEU C 18 28.18 1.11 -5.06
N ASP C 19 28.64 -0.09 -4.75
CA ASP C 19 28.29 -1.24 -5.57
C ASP C 19 26.99 -1.90 -5.13
N GLU C 20 26.57 -1.66 -3.89
CA GLU C 20 25.34 -2.26 -3.39
C GLU C 20 24.12 -1.68 -4.07
N ILE C 21 24.23 -0.46 -4.59
CA ILE C 21 23.11 0.12 -5.33
C ILE C 21 23.08 -0.31 -6.78
N TYR C 22 24.12 -0.98 -7.26
CA TYR C 22 24.19 -1.46 -8.64
C TYR C 22 24.34 -2.97 -8.69
N LYS C 23 23.79 -3.67 -7.71
CA LYS C 23 23.97 -5.11 -7.59
C LYS C 23 22.62 -5.81 -7.62
N THR C 24 22.53 -6.89 -8.39
CA THR C 24 21.32 -7.69 -8.45
C THR C 24 21.72 -9.16 -8.48
N ARG C 25 21.00 -9.97 -7.71
CA ARG C 25 21.30 -11.40 -7.67
C ARG C 25 20.81 -12.11 -8.93
N GLU C 26 19.63 -11.73 -9.42
CA GLU C 26 18.95 -12.32 -10.58
C GLU C 26 18.72 -13.82 -10.40
N ARG C 27 17.84 -14.12 -9.43
CA ARG C 27 17.41 -15.49 -9.22
C ARG C 27 16.49 -15.94 -10.35
N TYR C 28 16.30 -17.26 -10.44
CA TYR C 28 15.46 -17.85 -11.47
C TYR C 28 14.04 -17.94 -10.95
N THR C 29 13.27 -16.90 -11.21
CA THR C 29 11.83 -16.98 -11.00
C THR C 29 11.23 -17.62 -12.24
N PRO C 30 10.48 -18.70 -12.12
CA PRO C 30 9.96 -19.37 -13.31
C PRO C 30 8.82 -18.57 -13.90
N PHE C 31 8.77 -18.57 -15.22
CA PHE C 31 7.58 -18.17 -15.94
C PHE C 31 6.61 -19.35 -15.95
N TYR C 32 5.33 -19.05 -16.24
CA TYR C 32 4.19 -19.99 -16.10
C TYR C 32 4.03 -20.43 -14.65
N ASP C 33 3.93 -19.46 -13.75
CA ASP C 33 3.46 -19.73 -12.40
C ASP C 33 2.60 -18.57 -11.94
N ASP C 34 2.06 -18.69 -10.73
CA ASP C 34 1.21 -17.66 -10.16
C ASP C 34 1.95 -16.74 -9.20
N ARG C 35 3.27 -16.92 -9.09
CA ARG C 35 4.08 -15.93 -8.41
C ARG C 35 4.01 -14.60 -9.14
N ALA C 36 4.11 -14.63 -10.46
CA ALA C 36 3.90 -13.47 -11.30
C ALA C 36 2.99 -13.91 -12.43
N ASP C 37 1.71 -13.54 -12.36
CA ASP C 37 0.73 -14.13 -13.24
C ASP C 37 0.83 -13.59 -14.66
N TYR C 38 0.64 -12.29 -14.84
CA TYR C 38 0.71 -11.69 -16.16
C TYR C 38 2.11 -11.46 -16.63
N ASN C 39 3.09 -11.68 -15.74
CA ASN C 39 4.50 -11.29 -15.71
C ASN C 39 4.78 -9.99 -16.46
N THR C 40 3.95 -8.99 -16.20
CA THR C 40 4.26 -7.66 -16.69
C THR C 40 5.38 -7.06 -15.85
N ASN C 41 5.89 -5.92 -16.30
CA ASN C 41 7.14 -5.41 -15.77
C ASN C 41 6.90 -4.45 -14.62
N SER C 42 5.90 -4.73 -13.78
CA SER C 42 5.53 -3.86 -12.68
C SER C 42 6.00 -4.38 -11.32
N LYS C 43 5.90 -5.68 -11.11
CA LYS C 43 6.36 -6.25 -9.86
C LYS C 43 7.88 -6.11 -9.73
N SER C 44 8.58 -6.07 -10.86
CA SER C 44 10.00 -5.77 -10.84
C SER C 44 10.25 -4.37 -10.32
N TYR C 45 9.38 -3.43 -10.69
CA TYR C 45 9.53 -2.06 -10.21
C TYR C 45 9.27 -1.95 -8.71
N TYR C 46 8.22 -2.60 -8.22
CA TYR C 46 7.96 -2.64 -6.79
C TYR C 46 9.14 -3.21 -6.01
N ASP C 47 9.60 -4.39 -6.42
CA ASP C 47 10.71 -5.04 -5.74
C ASP C 47 12.02 -4.30 -5.94
N TYR C 48 12.11 -3.41 -6.93
CA TYR C 48 13.36 -2.68 -7.03
C TYR C 48 13.38 -1.44 -6.17
N ILE C 49 12.31 -0.64 -6.20
CA ILE C 49 12.36 0.60 -5.44
C ILE C 49 12.22 0.33 -3.95
N SER C 50 11.47 -0.70 -3.56
CA SER C 50 11.37 -1.01 -2.14
C SER C 50 12.68 -1.57 -1.61
N ARG C 51 13.41 -2.32 -2.42
CA ARG C 51 14.72 -2.79 -1.99
C ARG C 51 15.77 -1.71 -2.11
N LEU C 52 15.50 -0.65 -2.85
CA LEU C 52 16.46 0.44 -2.91
C LEU C 52 16.30 1.37 -1.73
N SER C 53 15.12 1.46 -1.16
CA SER C 53 14.95 2.38 -0.03
C SER C 53 15.39 1.78 1.32
N LYS C 54 16.24 0.75 1.34
CA LYS C 54 16.85 0.29 2.58
C LYS C 54 17.94 1.24 3.03
N LEU C 55 18.81 1.63 2.09
CA LEU C 55 19.96 2.44 2.45
C LEU C 55 19.58 3.85 2.87
N ILE C 56 18.42 4.33 2.43
CA ILE C 56 17.92 5.60 2.92
C ILE C 56 17.39 5.49 4.35
N GLU C 57 17.16 4.27 4.85
CA GLU C 57 17.06 4.10 6.29
C GLU C 57 18.42 4.00 6.94
N VAL C 58 19.37 3.36 6.24
CA VAL C 58 20.70 3.08 6.80
C VAL C 58 21.41 4.37 7.20
N LEU C 59 21.51 5.30 6.26
CA LEU C 59 22.27 6.51 6.57
C LEU C 59 21.54 7.44 7.52
N ALA C 60 20.21 7.35 7.62
CA ALA C 60 19.54 8.08 8.69
C ALA C 60 19.82 7.47 10.07
N ARG C 61 19.96 6.15 10.14
CA ARG C 61 20.45 5.56 11.39
C ARG C 61 21.87 6.00 11.69
N ARG C 62 22.66 6.25 10.65
CA ARG C 62 24.00 6.79 10.89
C ARG C 62 23.94 8.22 11.45
N ILE C 63 22.93 8.99 11.05
CA ILE C 63 22.71 10.30 11.65
C ILE C 63 22.36 10.16 13.13
N TRP C 64 21.56 9.16 13.48
CA TRP C 64 21.29 8.90 14.90
C TRP C 64 22.56 8.53 15.64
N ASP C 65 23.46 7.79 15.00
CA ASP C 65 24.75 7.46 15.61
C ASP C 65 25.57 8.71 15.91
N TYR C 66 25.59 9.65 14.95
CA TYR C 66 26.30 10.91 15.15
C TYR C 66 25.77 11.68 16.34
N ASP C 67 24.45 11.86 16.39
CA ASP C 67 23.89 12.70 17.44
C ASP C 67 23.93 12.02 18.79
N ASN C 68 23.84 10.69 18.83
CA ASN C 68 24.01 9.97 20.09
C ASN C 68 25.43 10.12 20.60
N GLU C 69 26.40 10.11 19.69
CA GLU C 69 27.78 10.31 20.12
C GLU C 69 28.02 11.74 20.62
N LEU C 70 27.45 12.74 19.94
CA LEU C 70 27.69 14.11 20.38
C LEU C 70 27.01 14.40 21.70
N LYS C 71 25.83 13.82 21.93
CA LYS C 71 25.21 13.89 23.25
C LYS C 71 26.09 13.25 24.30
N LYS C 72 26.72 12.12 23.97
CA LYS C 72 27.68 11.50 24.87
C LYS C 72 28.88 12.41 25.15
N ARG C 73 29.33 13.13 24.13
CA ARG C 73 30.51 13.97 24.24
C ARG C 73 30.25 15.18 25.15
N PHE C 74 29.19 15.92 24.86
CA PHE C 74 28.85 17.06 25.69
C PHE C 74 28.41 16.65 27.09
N LYS C 75 27.86 15.45 27.25
CA LYS C 75 27.56 14.98 28.59
C LYS C 75 28.83 14.69 29.38
N ASN C 76 29.85 14.12 28.71
CA ASN C 76 31.12 13.89 29.38
C ASN C 76 31.77 15.20 29.77
N TRP C 77 31.66 16.21 28.91
CA TRP C 77 32.18 17.52 29.24
C TRP C 77 31.44 18.14 30.42
N ASP C 78 30.11 18.02 30.44
CA ASP C 78 29.33 18.62 31.52
C ASP C 78 29.66 17.98 32.86
N ASP C 79 29.82 16.65 32.88
CA ASP C 79 30.18 15.99 34.14
C ASP C 79 31.60 16.34 34.56
N LEU C 80 32.51 16.55 33.60
CA LEU C 80 33.85 16.97 33.98
C LEU C 80 33.86 18.41 34.50
N MET C 81 32.98 19.26 33.97
CA MET C 81 32.86 20.60 34.54
C MET C 81 32.18 20.58 35.90
N LYS C 82 31.34 19.57 36.15
CA LYS C 82 30.86 19.35 37.52
C LYS C 82 32.03 19.03 38.44
N ALA C 83 32.94 18.18 37.97
CA ALA C 83 34.04 17.76 38.83
C ALA C 83 35.11 18.84 38.99
N PHE C 84 35.16 19.82 38.10
CA PHE C 84 36.27 20.77 38.08
C PHE C 84 36.42 21.68 39.31
N PRO C 85 35.37 22.21 39.97
CA PRO C 85 35.61 22.93 41.24
C PRO C 85 36.18 22.06 42.34
N GLU C 86 36.00 20.74 42.28
CA GLU C 86 36.65 19.84 43.24
C GLU C 86 38.15 19.71 42.94
N GLN C 87 38.58 20.17 41.76
CA GLN C 87 40.01 20.26 41.49
C GLN C 87 40.54 21.65 41.82
N ALA C 88 39.72 22.67 41.56
CA ALA C 88 40.10 24.05 41.86
C ALA C 88 40.25 24.27 43.35
N LYS C 89 39.33 23.74 44.14
CA LYS C 89 39.61 23.50 45.55
C LYS C 89 40.56 22.31 45.61
N ASP C 90 41.52 22.39 46.54
CA ASP C 90 42.74 21.63 46.76
C ASP C 90 43.83 22.01 45.75
N LEU C 91 43.47 22.61 44.62
CA LEU C 91 44.46 23.39 43.90
C LEU C 91 44.79 24.66 44.67
N PHE C 92 43.76 25.38 45.12
CA PHE C 92 43.97 26.57 45.94
C PHE C 92 44.56 26.20 47.29
N ARG C 93 44.29 25.00 47.79
CA ARG C 93 44.94 24.59 49.03
C ARG C 93 46.42 24.33 48.81
N GLY C 94 46.79 23.83 47.63
CA GLY C 94 48.17 23.88 47.20
C GLY C 94 48.69 25.30 47.09
N TRP C 95 47.85 26.24 46.64
CA TRP C 95 48.25 27.64 46.52
C TRP C 95 48.34 28.36 47.87
N LEU C 96 47.78 27.81 48.93
CA LEU C 96 47.86 28.48 50.23
C LEU C 96 48.85 27.85 51.18
N ASN C 97 49.01 26.52 51.17
CA ASN C 97 49.94 25.89 52.11
C ASN C 97 51.39 26.01 51.69
N ASP C 98 51.67 26.50 50.48
CA ASP C 98 53.03 26.74 50.05
C ASP C 98 53.44 28.17 50.40
N GLY C 99 54.56 28.63 49.86
CA GLY C 99 55.06 29.96 50.11
C GLY C 99 54.67 31.01 49.09
N THR C 100 53.69 30.75 48.23
CA THR C 100 53.25 31.79 47.31
C THR C 100 52.18 32.69 47.92
N ILE C 101 51.93 32.54 49.22
CA ILE C 101 51.27 33.57 50.01
C ILE C 101 52.10 34.87 50.03
N ASP C 102 53.41 34.78 49.80
CA ASP C 102 54.24 35.96 49.68
C ASP C 102 53.89 36.81 48.47
N SER C 103 53.20 36.27 47.47
CA SER C 103 52.56 37.14 46.48
C SER C 103 51.44 37.95 47.13
N ILE C 104 50.54 37.28 47.84
CA ILE C 104 49.27 37.92 48.18
C ILE C 104 49.46 38.90 49.34
N ILE C 105 50.26 38.55 50.35
CA ILE C 105 50.37 39.42 51.51
C ILE C 105 51.26 40.62 51.19
N HIS C 106 52.32 40.42 50.40
CA HIS C 106 53.20 41.53 50.08
C HIS C 106 52.61 42.46 49.03
N ASP C 107 51.99 41.91 47.98
CA ASP C 107 51.32 42.76 47.01
C ASP C 107 50.02 43.34 47.54
N GLU C 108 49.48 42.80 48.62
CA GLU C 108 48.30 43.35 49.27
C GLU C 108 48.70 44.44 50.26
N PHE C 109 49.85 44.27 50.90
CA PHE C 109 50.27 45.10 52.01
C PHE C 109 50.87 46.42 51.55
N LYS C 110 52.04 46.34 50.91
CA LYS C 110 52.99 47.44 50.91
C LYS C 110 52.56 48.55 49.97
N LYS C 111 52.18 48.18 48.74
CA LYS C 111 51.85 49.16 47.72
C LYS C 111 50.61 49.96 48.10
N TYR C 112 49.58 49.29 48.59
CA TYR C 112 48.36 50.00 48.94
C TYR C 112 48.52 50.82 50.21
N SER C 113 49.23 50.28 51.21
CA SER C 113 49.38 51.02 52.46
C SER C 113 50.23 52.27 52.26
N ALA C 114 51.34 52.12 51.51
CA ALA C 114 52.18 53.27 51.20
C ALA C 114 51.46 54.27 50.31
N GLY C 115 50.61 53.78 49.41
CA GLY C 115 49.85 54.68 48.57
C GLY C 115 48.86 55.52 49.35
N LEU C 116 48.17 54.91 50.31
CA LEU C 116 47.19 55.67 51.09
C LEU C 116 47.89 56.66 52.02
N THR C 117 48.97 56.22 52.67
CA THR C 117 49.70 57.12 53.59
C THR C 117 50.34 58.28 52.85
N SER C 118 51.03 58.01 51.74
CA SER C 118 51.68 59.08 50.99
C SER C 118 50.65 59.97 50.33
N ALA C 119 49.49 59.42 49.94
CA ALA C 119 48.44 60.23 49.34
C ALA C 119 47.86 61.22 50.33
N PHE C 120 47.51 60.76 51.54
CA PHE C 120 46.95 61.71 52.49
C PHE C 120 48.03 62.62 53.06
N ALA C 121 49.28 62.17 53.10
CA ALA C 121 50.36 63.07 53.53
C ALA C 121 50.58 64.19 52.53
N LEU C 122 50.58 63.87 51.24
CA LEU C 122 50.71 64.89 50.20
C LEU C 122 49.51 65.82 50.21
N PHE C 123 48.31 65.26 50.41
CA PHE C 123 47.11 66.09 50.46
C PHE C 123 47.10 67.00 51.67
N LYS C 124 47.56 66.50 52.82
CA LYS C 124 47.52 67.28 54.05
C LYS C 124 48.59 68.36 54.04
N VAL C 125 49.77 68.07 53.49
CA VAL C 125 50.81 69.09 53.37
C VAL C 125 50.41 70.15 52.34
N THR C 126 49.75 69.73 51.26
CA THR C 126 49.25 70.69 50.27
C THR C 126 48.15 71.56 50.85
N GLU C 127 47.29 70.97 51.68
CA GLU C 127 46.24 71.73 52.34
C GLU C 127 46.84 72.70 53.36
N MET C 128 47.90 72.29 54.05
CA MET C 128 48.57 73.17 55.01
C MET C 128 49.26 74.34 54.30
N LYS C 129 49.88 74.06 53.15
CA LYS C 129 50.46 75.13 52.34
C LYS C 129 49.38 76.07 51.84
N GLN C 130 48.20 75.52 51.51
CA GLN C 130 47.06 76.33 51.13
C GLN C 130 46.60 77.21 52.29
N MET C 131 46.64 76.69 53.51
CA MET C 131 46.19 77.51 54.64
C MET C 131 47.21 78.58 54.98
N ASN C 132 48.50 78.28 54.82
CA ASN C 132 49.52 79.31 55.00
C ASN C 132 49.37 80.41 53.96
N ASP C 133 49.09 80.01 52.71
CA ASP C 133 48.79 80.98 51.66
C ASP C 133 47.55 81.79 51.99
N PHE C 134 46.52 81.14 52.53
CA PHE C 134 45.26 81.81 52.83
C PHE C 134 45.42 82.82 53.96
N LYS C 135 46.18 82.46 54.99
CA LYS C 135 46.41 83.41 56.08
C LYS C 135 47.32 84.55 55.63
N SER C 136 48.25 84.30 54.72
CA SER C 136 49.01 85.39 54.14
C SER C 136 48.14 86.29 53.28
N GLU C 137 47.10 85.74 52.66
CA GLU C 137 46.12 86.55 51.97
C GLU C 137 45.31 87.40 52.95
N VAL C 138 44.90 86.79 54.07
CA VAL C 138 43.99 87.45 54.99
C VAL C 138 44.69 88.59 55.75
N LYS C 139 45.88 88.31 56.30
CA LYS C 139 46.52 89.26 57.20
C LYS C 139 47.01 90.53 56.50
N ASP C 140 47.26 90.48 55.19
CA ASP C 140 47.82 91.63 54.50
C ASP C 140 46.76 92.62 54.06
N LEU C 141 45.55 92.16 53.77
CA LEU C 141 44.54 93.02 53.17
C LEU C 141 43.85 93.93 54.17
N ILE C 142 44.09 93.75 55.47
CA ILE C 142 43.45 94.58 56.47
C ILE C 142 44.29 95.78 56.89
N LYS C 143 45.60 95.75 56.62
CA LYS C 143 46.48 96.81 57.06
C LYS C 143 46.36 98.07 56.19
N ASP C 144 45.85 97.92 54.96
CA ASP C 144 46.08 98.90 53.89
C ASP C 144 45.35 100.22 54.12
N ILE C 145 44.34 100.26 54.98
CA ILE C 145 43.48 101.44 55.07
C ILE C 145 44.20 102.59 55.76
N ASP C 146 44.89 102.32 56.86
CA ASP C 146 45.69 103.34 57.52
C ASP C 146 46.93 102.75 58.18
N GLU D 5 -28.96 15.22 38.72
CA GLU D 5 -29.93 15.85 37.83
C GLU D 5 -30.15 14.99 36.60
N ASN D 6 -31.18 15.32 35.82
CA ASN D 6 -31.41 14.65 34.54
C ASN D 6 -30.81 15.43 33.40
N ASP D 7 -29.51 15.63 33.46
CA ASP D 7 -28.80 16.41 32.46
C ASP D 7 -27.91 15.47 31.64
N PHE D 8 -27.15 16.05 30.72
CA PHE D 8 -26.19 15.36 29.85
C PHE D 8 -26.89 14.33 28.96
N LYS D 9 -27.80 14.84 28.13
CA LYS D 9 -28.41 14.04 27.08
C LYS D 9 -27.67 14.21 25.76
N TYR D 10 -26.35 14.07 25.83
CA TYR D 10 -25.50 14.04 24.65
C TYR D 10 -25.14 12.62 24.27
N PHE D 11 -25.27 11.70 25.23
CA PHE D 11 -25.25 10.25 25.06
C PHE D 11 -26.59 9.74 24.56
N ASP D 12 -27.59 10.63 24.46
CA ASP D 12 -28.97 10.26 24.24
C ASP D 12 -29.55 10.75 22.92
N ASP D 13 -29.14 11.91 22.42
CA ASP D 13 -29.55 12.29 21.08
C ASP D 13 -28.78 11.56 19.99
N ILE D 14 -27.74 10.82 20.36
CA ILE D 14 -27.08 9.93 19.42
C ILE D 14 -27.95 8.69 19.17
N ARG D 15 -28.73 8.29 20.16
CA ARG D 15 -29.57 7.09 20.09
C ARG D 15 -30.49 6.97 18.87
N PRO D 16 -31.25 7.99 18.43
CA PRO D 16 -32.04 7.79 17.21
C PRO D 16 -31.22 7.78 15.93
N PHE D 17 -29.92 8.10 16.00
CA PHE D 17 -29.03 7.94 14.88
C PHE D 17 -27.96 6.88 15.14
N LEU D 18 -28.12 6.09 16.19
CA LEU D 18 -27.30 4.92 16.40
C LEU D 18 -28.09 3.65 16.28
N ASP D 19 -29.40 3.68 16.52
CA ASP D 19 -30.21 2.54 16.10
C ASP D 19 -30.43 2.54 14.61
N GLU D 20 -30.32 3.71 13.97
CA GLU D 20 -30.68 3.84 12.56
C GLU D 20 -29.71 3.08 11.66
N ILE D 21 -28.40 3.24 11.90
CA ILE D 21 -27.46 2.53 11.06
C ILE D 21 -27.43 1.06 11.44
N TYR D 22 -27.80 0.72 12.67
CA TYR D 22 -27.94 -0.68 13.01
C TYR D 22 -29.17 -1.29 12.34
N LYS D 23 -30.16 -0.47 12.03
CA LYS D 23 -31.30 -0.98 11.29
C LYS D 23 -30.96 -1.16 9.82
N THR D 24 -30.45 -0.11 9.18
CA THR D 24 -30.16 -0.17 7.76
C THR D 24 -28.77 -0.73 7.45
N ARG D 25 -28.12 -1.37 8.41
CA ARG D 25 -26.78 -1.87 8.16
C ARG D 25 -26.81 -3.31 7.67
N GLU D 26 -27.61 -4.18 8.31
CA GLU D 26 -27.54 -5.60 8.00
C GLU D 26 -28.81 -6.18 7.44
N ARG D 27 -29.86 -5.38 7.26
CA ARG D 27 -31.11 -5.87 6.69
C ARG D 27 -31.25 -5.48 5.23
N TYR D 28 -30.18 -5.54 4.46
CA TYR D 28 -30.21 -4.89 3.15
C TYR D 28 -30.72 -5.79 2.03
N THR D 29 -30.40 -7.08 2.07
CA THR D 29 -30.61 -7.95 0.91
C THR D 29 -32.03 -8.17 0.37
N PRO D 30 -33.14 -7.91 1.09
CA PRO D 30 -34.41 -7.86 0.36
C PRO D 30 -34.66 -6.54 -0.33
N PHE D 31 -33.87 -5.50 -0.06
CA PHE D 31 -34.19 -4.17 -0.54
C PHE D 31 -33.33 -3.71 -1.69
N TYR D 32 -32.21 -4.36 -1.95
CA TYR D 32 -31.25 -3.86 -2.91
C TYR D 32 -30.93 -4.93 -3.93
N ASP D 33 -29.87 -4.76 -4.73
CA ASP D 33 -29.51 -5.75 -5.71
C ASP D 33 -28.00 -5.85 -5.82
N ASP D 34 -27.55 -6.94 -6.44
CA ASP D 34 -26.13 -7.20 -6.61
C ASP D 34 -25.86 -7.36 -8.10
N ARG D 35 -25.63 -6.24 -8.78
CA ARG D 35 -25.39 -6.27 -10.20
C ARG D 35 -24.40 -5.18 -10.56
N ALA D 36 -24.33 -4.88 -11.85
CA ALA D 36 -23.87 -3.70 -12.53
C ALA D 36 -22.36 -3.54 -12.64
N ASP D 37 -21.55 -4.33 -11.91
CA ASP D 37 -20.11 -4.45 -12.13
C ASP D 37 -19.40 -3.10 -12.04
N TYR D 38 -19.36 -2.58 -10.83
CA TYR D 38 -18.68 -1.32 -10.61
C TYR D 38 -17.19 -1.54 -10.75
N ASN D 39 -16.52 -0.68 -11.52
CA ASN D 39 -15.09 -0.80 -11.67
C ASN D 39 -14.38 -0.20 -10.46
N THR D 40 -13.23 -0.77 -10.14
CA THR D 40 -12.38 -0.25 -9.08
C THR D 40 -11.01 0.04 -9.66
N ASN D 41 -10.56 1.27 -9.49
CA ASN D 41 -9.26 1.72 -9.97
C ASN D 41 -8.41 2.06 -8.74
N SER D 42 -7.35 1.29 -8.52
CA SER D 42 -6.61 1.45 -7.27
C SER D 42 -5.10 1.47 -7.47
N LYS D 43 -4.56 2.65 -7.73
CA LYS D 43 -3.20 3.01 -7.35
C LYS D 43 -2.07 2.17 -7.92
N SER D 44 -1.70 2.40 -9.18
CA SER D 44 -0.54 1.70 -9.72
C SER D 44 0.77 2.20 -9.13
N TYR D 45 1.86 1.71 -9.72
CA TYR D 45 3.21 1.97 -9.25
C TYR D 45 3.56 3.45 -9.16
N TYR D 46 2.93 4.29 -9.98
CA TYR D 46 3.26 5.69 -9.93
C TYR D 46 2.76 6.33 -8.64
N ASP D 47 1.62 5.88 -8.14
CA ASP D 47 1.23 6.31 -6.82
C ASP D 47 2.06 5.67 -5.73
N TYR D 48 2.70 4.54 -6.00
CA TYR D 48 3.59 3.96 -4.99
C TYR D 48 4.85 4.79 -4.85
N ILE D 49 5.47 5.17 -5.97
CA ILE D 49 6.61 6.06 -5.80
C ILE D 49 6.19 7.48 -5.50
N SER D 50 4.93 7.84 -5.67
CA SER D 50 4.42 9.04 -5.03
C SER D 50 4.52 8.93 -3.51
N ARG D 51 4.04 7.81 -2.98
CA ARG D 51 4.07 7.60 -1.54
C ARG D 51 5.50 7.54 -1.02
N LEU D 52 6.42 7.11 -1.85
CA LEU D 52 7.81 7.05 -1.42
C LEU D 52 8.61 8.31 -1.72
N SER D 53 8.23 9.10 -2.72
CA SER D 53 9.14 10.13 -3.22
C SER D 53 9.16 11.35 -2.33
N LYS D 54 7.99 11.82 -1.90
CA LYS D 54 7.95 12.94 -0.97
C LYS D 54 8.55 12.53 0.34
N LEU D 55 8.37 11.27 0.69
CA LEU D 55 8.90 10.76 1.95
C LEU D 55 10.42 10.70 1.92
N ILE D 56 11.01 10.38 0.77
CA ILE D 56 12.47 10.37 0.76
C ILE D 56 13.03 11.76 0.59
N GLU D 57 12.35 12.67 -0.13
CA GLU D 57 12.95 13.99 -0.26
C GLU D 57 12.81 14.79 1.01
N VAL D 58 11.77 14.52 1.81
CA VAL D 58 11.58 15.28 3.04
C VAL D 58 12.57 14.85 4.12
N LEU D 59 13.30 13.75 3.91
CA LEU D 59 14.46 13.50 4.75
C LEU D 59 15.77 13.60 3.98
N ALA D 60 15.71 13.68 2.65
CA ALA D 60 16.90 13.94 1.88
C ALA D 60 17.38 15.36 2.10
N ARG D 61 16.45 16.33 2.09
CA ARG D 61 16.84 17.68 2.46
C ARG D 61 17.22 17.77 3.92
N ARG D 62 16.58 16.97 4.78
CA ARG D 62 16.82 17.09 6.20
C ARG D 62 18.01 16.24 6.65
N ILE D 63 18.70 15.59 5.72
CA ILE D 63 20.09 15.19 5.99
C ILE D 63 21.07 15.94 5.12
N TRP D 64 20.61 16.66 4.09
CA TRP D 64 21.53 17.55 3.41
C TRP D 64 21.86 18.74 4.28
N ASP D 65 20.85 19.28 4.99
CA ASP D 65 21.10 20.42 5.85
C ASP D 65 21.46 20.00 7.27
N TYR D 66 22.04 18.83 7.45
CA TYR D 66 22.57 18.51 8.75
C TYR D 66 23.91 19.18 8.98
N ASP D 67 24.58 19.61 7.93
CA ASP D 67 25.91 20.18 8.09
C ASP D 67 25.87 21.52 8.78
N ASN D 68 24.85 22.34 8.54
CA ASN D 68 24.86 23.66 9.17
C ASN D 68 24.46 23.55 10.64
N GLU D 69 23.57 22.61 10.97
CA GLU D 69 23.25 22.34 12.36
C GLU D 69 24.47 21.79 13.10
N LEU D 70 25.16 20.83 12.48
CA LEU D 70 26.37 20.30 13.08
C LEU D 70 27.47 21.35 13.13
N LYS D 71 27.47 22.29 12.19
CA LYS D 71 28.45 23.36 12.18
C LYS D 71 28.22 24.30 13.34
N LYS D 72 26.95 24.57 13.65
CA LYS D 72 26.58 25.25 14.89
C LYS D 72 27.09 24.48 16.10
N ARG D 73 26.91 23.16 16.09
CA ARG D 73 27.20 22.38 17.28
C ARG D 73 28.68 22.10 17.47
N PHE D 74 29.52 22.27 16.45
CA PHE D 74 30.95 22.31 16.75
C PHE D 74 31.51 23.71 16.60
N LYS D 75 30.64 24.71 16.43
CA LYS D 75 31.04 26.08 16.70
C LYS D 75 30.93 26.39 18.19
N ASN D 76 29.85 25.95 18.84
CA ASN D 76 29.71 26.34 20.23
C ASN D 76 30.63 25.54 21.15
N TRP D 77 31.19 24.43 20.67
CA TRP D 77 32.29 23.78 21.37
C TRP D 77 33.48 24.71 21.51
N ASP D 78 33.89 25.34 20.41
CA ASP D 78 35.00 26.27 20.47
C ASP D 78 34.62 27.57 21.16
N ASP D 79 33.32 27.91 21.13
CA ASP D 79 32.84 29.02 21.94
C ASP D 79 33.01 28.73 23.42
N LEU D 80 32.75 27.49 23.82
CA LEU D 80 32.99 27.09 25.20
C LEU D 80 34.48 27.09 25.51
N MET D 81 35.32 26.69 24.54
CA MET D 81 36.76 26.69 24.77
C MET D 81 37.30 28.09 24.98
N LYS D 82 36.85 29.06 24.17
CA LYS D 82 37.30 30.42 24.37
C LYS D 82 36.61 31.10 25.54
N ALA D 83 35.50 30.55 26.02
CA ALA D 83 34.88 31.06 27.23
C ALA D 83 35.44 30.43 28.50
N PHE D 84 36.20 29.35 28.38
CA PHE D 84 36.65 28.65 29.57
C PHE D 84 37.68 29.34 30.47
N PRO D 85 38.73 30.03 29.99
CA PRO D 85 39.63 30.69 30.95
C PRO D 85 38.97 31.82 31.71
N GLU D 86 37.99 32.50 31.10
CA GLU D 86 37.18 33.46 31.81
C GLU D 86 36.42 32.80 32.96
N GLN D 87 35.84 31.63 32.70
CA GLN D 87 35.10 30.94 33.74
C GLN D 87 36.04 30.40 34.81
N ALA D 88 37.26 30.04 34.42
CA ALA D 88 38.23 29.54 35.40
C ALA D 88 38.70 30.65 36.33
N LYS D 89 38.98 31.83 35.78
CA LYS D 89 39.42 32.94 36.63
C LYS D 89 38.25 33.51 37.41
N ASP D 90 37.03 33.39 36.88
CA ASP D 90 35.85 33.78 37.63
C ASP D 90 35.60 32.82 38.78
N LEU D 91 35.88 31.54 38.58
CA LEU D 91 35.76 30.58 39.66
C LEU D 91 36.84 30.83 40.70
N PHE D 92 38.02 31.25 40.25
CA PHE D 92 39.12 31.46 41.16
C PHE D 92 38.89 32.67 42.05
N ARG D 93 38.29 33.73 41.50
CA ARG D 93 38.06 34.91 42.33
C ARG D 93 36.89 34.71 43.28
N GLY D 94 36.17 33.59 43.13
CA GLY D 94 35.12 33.29 44.09
C GLY D 94 35.66 32.84 45.43
N TRP D 95 36.59 31.89 45.40
CA TRP D 95 37.01 31.23 46.64
C TRP D 95 37.99 32.08 47.43
N LEU D 96 38.79 32.89 46.76
CA LEU D 96 39.75 33.74 47.48
C LEU D 96 39.05 34.87 48.23
N ASN D 97 37.80 35.17 47.87
CA ASN D 97 37.01 36.13 48.63
C ASN D 97 36.89 35.71 50.09
N ASP D 98 36.50 34.45 50.32
CA ASP D 98 36.59 33.91 51.68
C ASP D 98 38.03 33.57 52.04
N GLY D 99 38.88 33.38 51.03
CA GLY D 99 40.25 32.97 51.28
C GLY D 99 41.11 34.10 51.85
N THR D 100 40.97 35.31 51.30
CA THR D 100 41.77 36.42 51.80
C THR D 100 41.24 36.94 53.12
N ILE D 101 40.01 36.55 53.48
CA ILE D 101 39.42 37.01 54.73
C ILE D 101 40.14 36.40 55.93
N ASP D 102 40.49 35.12 55.84
CA ASP D 102 41.17 34.45 56.95
C ASP D 102 42.61 34.92 57.07
N SER D 103 43.19 35.40 55.98
CA SER D 103 44.60 35.77 56.03
C SER D 103 44.80 37.12 56.67
N ILE D 104 44.29 38.19 56.04
CA ILE D 104 44.73 39.53 56.40
C ILE D 104 43.54 40.34 56.94
N ILE D 105 42.32 39.89 56.63
CA ILE D 105 41.16 40.77 56.81
C ILE D 105 40.62 40.71 58.24
N HIS D 106 40.65 39.54 58.89
CA HIS D 106 40.32 39.49 60.33
C HIS D 106 41.55 39.81 61.19
N ASP D 107 42.23 40.88 60.79
CA ASP D 107 43.64 41.17 61.08
C ASP D 107 43.93 42.59 60.63
N GLU D 108 45.20 42.81 60.25
CA GLU D 108 45.83 44.06 59.82
C GLU D 108 44.97 45.09 59.11
N PHE D 109 44.05 44.70 58.23
CA PHE D 109 43.20 45.70 57.60
C PHE D 109 42.19 46.32 58.58
N LYS D 110 41.84 45.60 59.64
CA LYS D 110 41.06 46.23 60.70
C LYS D 110 41.91 47.26 61.44
N LYS D 111 43.20 46.98 61.59
CA LYS D 111 44.11 47.98 62.14
C LYS D 111 44.29 49.17 61.19
N TYR D 112 44.31 48.91 59.89
CA TYR D 112 44.39 50.00 58.94
C TYR D 112 43.12 50.82 58.95
N SER D 113 41.96 50.19 59.14
CA SER D 113 40.71 50.93 59.29
C SER D 113 40.77 51.83 60.51
N ALA D 114 41.19 51.26 61.65
CA ALA D 114 41.35 52.02 62.89
C ALA D 114 42.32 53.19 62.72
N GLY D 115 43.56 52.91 62.31
CA GLY D 115 44.57 53.95 62.26
C GLY D 115 44.36 54.95 61.13
N LEU D 116 43.88 54.48 59.98
CA LEU D 116 43.75 55.36 58.83
C LEU D 116 42.40 56.04 58.78
N THR D 117 41.49 55.77 59.72
CA THR D 117 40.29 56.58 59.80
C THR D 117 40.17 57.36 61.09
N SER D 118 40.31 56.69 62.25
CA SER D 118 40.03 57.33 63.52
C SER D 118 41.06 58.39 63.86
N ALA D 119 42.34 58.07 63.65
CA ALA D 119 43.41 59.03 63.93
C ALA D 119 43.34 60.24 63.01
N PHE D 120 43.01 60.05 61.73
CA PHE D 120 42.94 61.21 60.84
C PHE D 120 41.64 61.98 61.04
N ALA D 121 40.60 61.32 61.53
CA ALA D 121 39.41 62.06 61.95
C ALA D 121 39.70 62.91 63.19
N LEU D 122 40.55 62.39 64.10
CA LEU D 122 41.03 63.20 65.21
C LEU D 122 41.88 64.36 64.72
N PHE D 123 42.68 64.15 63.67
CA PHE D 123 43.43 65.25 63.07
C PHE D 123 42.48 66.28 62.46
N LYS D 124 41.37 65.83 61.90
CA LYS D 124 40.35 66.76 61.39
C LYS D 124 39.71 67.57 62.52
N VAL D 125 39.46 66.92 63.65
CA VAL D 125 38.88 67.60 64.81
C VAL D 125 39.83 68.66 65.33
N THR D 126 41.13 68.33 65.39
CA THR D 126 42.13 69.33 65.77
C THR D 126 42.22 70.46 64.75
N GLU D 127 42.06 70.15 63.46
CA GLU D 127 42.08 71.21 62.45
C GLU D 127 40.86 72.11 62.55
N MET D 128 39.71 71.56 62.93
CA MET D 128 38.53 72.40 63.12
C MET D 128 38.67 73.30 64.34
N LYS D 129 39.22 72.76 65.44
CA LYS D 129 39.47 73.60 66.61
C LYS D 129 40.50 74.67 66.32
N GLN D 130 41.58 74.31 65.60
CA GLN D 130 42.57 75.26 65.13
C GLN D 130 41.95 76.35 64.29
N MET D 131 41.11 75.98 63.33
CA MET D 131 40.56 77.00 62.44
C MET D 131 39.50 77.84 63.12
N ASN D 132 38.80 77.31 64.12
CA ASN D 132 37.97 78.19 64.95
C ASN D 132 38.81 79.20 65.72
N ASP D 133 39.96 78.76 66.24
CA ASP D 133 40.89 79.68 66.89
C ASP D 133 41.46 80.72 65.91
N PHE D 134 41.73 80.31 64.67
CA PHE D 134 42.25 81.24 63.67
C PHE D 134 41.17 82.21 63.20
N LYS D 135 39.93 81.73 63.05
CA LYS D 135 38.77 82.61 62.84
C LYS D 135 38.64 83.63 63.93
N SER D 136 38.83 83.22 65.19
CA SER D 136 38.72 84.15 66.30
C SER D 136 39.85 85.18 66.26
N GLU D 137 41.10 84.74 66.17
CA GLU D 137 42.24 85.64 66.22
C GLU D 137 42.38 86.50 64.98
N VAL D 138 41.71 86.15 63.88
CA VAL D 138 41.51 87.11 62.80
C VAL D 138 40.40 88.10 63.14
N LYS D 139 39.29 87.61 63.70
CA LYS D 139 38.20 88.51 64.09
C LYS D 139 38.55 89.36 65.30
N ASP D 140 39.45 88.89 66.17
CA ASP D 140 39.74 89.60 67.41
C ASP D 140 40.46 90.92 67.17
N LEU D 141 41.15 91.06 66.04
CA LEU D 141 41.79 92.33 65.75
C LEU D 141 40.99 93.19 64.79
N ILE D 142 40.10 92.57 64.01
CA ILE D 142 39.24 93.35 63.12
C ILE D 142 38.09 93.96 63.92
N LYS D 143 37.55 93.23 64.90
CA LYS D 143 36.42 93.72 65.68
C LYS D 143 36.83 94.61 66.83
N ASP D 144 38.05 95.12 66.87
CA ASP D 144 38.49 96.04 67.91
C ASP D 144 39.13 97.31 67.39
N ILE D 145 39.94 97.24 66.34
CA ILE D 145 40.70 98.39 65.87
C ILE D 145 39.97 99.15 64.76
N ASP D 146 39.35 98.46 63.83
CA ASP D 146 38.68 99.09 62.71
C ASP D 146 37.32 99.68 63.09
N ARG D 147 36.82 99.40 64.29
CA ARG D 147 35.52 99.90 64.71
C ARG D 147 35.53 101.35 65.15
N PHE D 148 36.71 101.92 65.43
CA PHE D 148 36.76 103.31 65.86
C PHE D 148 36.40 104.29 64.75
N VAL D 149 36.53 103.87 63.50
CA VAL D 149 36.07 104.69 62.39
C VAL D 149 34.59 104.48 62.12
N ASN D 150 34.14 103.23 62.24
CA ASN D 150 32.74 102.90 62.03
C ASN D 150 32.20 101.97 63.12
N THR E 24 -6.81 -16.92 -3.70
CA THR E 24 -7.28 -16.59 -5.03
C THR E 24 -8.26 -15.42 -4.98
N ARG E 25 -8.81 -15.08 -6.15
CA ARG E 25 -9.82 -14.04 -6.35
C ARG E 25 -9.30 -12.68 -5.86
N GLU E 26 -8.33 -12.16 -6.64
CA GLU E 26 -7.50 -11.03 -6.24
C GLU E 26 -8.29 -9.76 -6.03
N ARG E 27 -8.43 -9.37 -4.76
CA ARG E 27 -9.24 -8.24 -4.35
C ARG E 27 -8.38 -7.17 -3.73
N TYR E 28 -8.76 -5.92 -3.95
CA TYR E 28 -8.05 -4.81 -3.31
C TYR E 28 -8.88 -4.30 -2.14
N THR E 29 -8.87 -5.14 -1.10
CA THR E 29 -9.72 -4.91 0.07
C THR E 29 -9.46 -3.61 0.83
N PRO E 30 -8.29 -2.97 0.80
CA PRO E 30 -8.24 -1.57 1.19
C PRO E 30 -8.40 -0.70 -0.03
N PHE E 31 -8.93 0.49 0.21
CA PHE E 31 -9.16 1.45 -0.86
C PHE E 31 -9.21 2.77 -0.10
N TYR E 32 -8.12 3.53 -0.13
CA TYR E 32 -7.80 4.47 0.94
C TYR E 32 -7.40 5.81 0.33
N ASP E 33 -6.96 6.72 1.20
CA ASP E 33 -6.59 8.08 0.85
C ASP E 33 -5.14 8.35 1.23
N ASP E 34 -4.46 9.17 0.41
CA ASP E 34 -3.03 9.39 0.58
C ASP E 34 -2.70 10.88 0.75
N ARG E 35 -1.49 11.13 1.24
CA ARG E 35 -1.02 12.48 1.52
C ARG E 35 0.42 12.69 1.09
N ALA E 36 0.82 12.14 -0.05
CA ALA E 36 2.19 12.27 -0.53
C ALA E 36 2.19 12.74 -1.99
N ASP E 37 3.25 13.48 -2.35
CA ASP E 37 3.19 14.42 -3.45
C ASP E 37 4.30 14.15 -4.47
N TYR E 38 4.05 14.57 -5.71
CA TYR E 38 4.86 14.05 -6.80
C TYR E 38 4.85 14.97 -8.01
N ASN E 39 6.04 15.35 -8.45
CA ASN E 39 6.31 15.78 -9.81
C ASN E 39 7.73 15.30 -10.10
N THR E 40 7.84 14.09 -10.62
CA THR E 40 9.16 13.53 -10.86
C THR E 40 9.65 14.05 -12.19
N ASN E 41 10.64 14.95 -12.16
CA ASN E 41 11.11 15.64 -13.36
C ASN E 41 11.90 14.68 -14.24
N SER E 42 11.19 13.74 -14.85
CA SER E 42 11.86 12.61 -15.46
C SER E 42 11.02 12.05 -16.59
N LYS E 43 11.70 11.46 -17.58
CA LYS E 43 11.04 10.97 -18.79
C LYS E 43 10.10 9.82 -18.49
N SER E 44 10.56 8.85 -17.71
CA SER E 44 9.74 7.69 -17.45
C SER E 44 9.89 7.31 -15.98
N TYR E 45 9.32 6.16 -15.59
CA TYR E 45 9.61 5.61 -14.27
C TYR E 45 11.08 5.26 -14.16
N TYR E 46 11.61 4.74 -15.25
CA TYR E 46 12.96 4.21 -15.32
C TYR E 46 13.98 5.30 -15.04
N ASP E 47 13.88 6.41 -15.76
CA ASP E 47 14.85 7.47 -15.60
C ASP E 47 14.72 8.15 -14.23
N TYR E 48 13.52 8.10 -13.63
CA TYR E 48 13.40 8.56 -12.26
C TYR E 48 14.08 7.61 -11.28
N ILE E 49 14.07 6.31 -11.55
CA ILE E 49 14.83 5.37 -10.72
C ILE E 49 16.32 5.68 -10.81
N SER E 50 16.79 6.01 -12.01
CA SER E 50 18.20 6.37 -12.17
C SER E 50 18.54 7.64 -11.42
N ARG E 51 17.67 8.65 -11.51
CA ARG E 51 17.92 9.91 -10.81
C ARG E 51 17.94 9.69 -9.31
N LEU E 52 17.04 8.85 -8.81
CA LEU E 52 17.01 8.59 -7.37
C LEU E 52 18.24 7.79 -6.95
N SER E 53 18.77 6.96 -7.83
CA SER E 53 20.02 6.26 -7.55
C SER E 53 21.20 7.22 -7.46
N LYS E 54 21.29 8.16 -8.40
CA LYS E 54 22.32 9.19 -8.33
C LYS E 54 22.19 10.02 -7.05
N LEU E 55 20.96 10.28 -6.64
CA LEU E 55 20.73 11.14 -5.49
C LEU E 55 21.13 10.45 -4.19
N ILE E 56 20.82 9.16 -4.06
CA ILE E 56 21.26 8.49 -2.85
C ILE E 56 22.77 8.28 -2.87
N GLU E 57 23.36 8.19 -4.07
CA GLU E 57 24.82 8.13 -4.15
C GLU E 57 25.45 9.42 -3.65
N VAL E 58 24.94 10.57 -4.09
CA VAL E 58 25.60 11.82 -3.74
C VAL E 58 25.38 12.16 -2.27
N LEU E 59 24.21 11.83 -1.71
CA LEU E 59 24.11 12.09 -0.28
C LEU E 59 24.81 11.02 0.55
N ALA E 60 25.06 9.84 0.00
CA ALA E 60 25.93 8.89 0.68
C ALA E 60 27.36 9.41 0.74
N ARG E 61 27.80 10.05 -0.34
CA ARG E 61 29.12 10.68 -0.32
C ARG E 61 29.14 11.85 0.65
N ARG E 62 28.01 12.52 0.83
CA ARG E 62 27.95 13.55 1.87
C ARG E 62 28.09 12.93 3.26
N ILE E 63 27.50 11.77 3.49
CA ILE E 63 27.70 11.11 4.77
C ILE E 63 29.16 10.69 4.95
N TRP E 64 29.83 10.30 3.87
CA TRP E 64 31.24 9.94 4.01
C TRP E 64 32.11 11.16 4.32
N ASP E 65 31.79 12.33 3.79
CA ASP E 65 32.67 13.42 4.20
C ASP E 65 32.27 13.97 5.56
N TYR E 66 31.04 13.70 6.03
CA TYR E 66 30.78 13.90 7.46
C TYR E 66 31.68 13.01 8.30
N ASP E 67 31.87 11.75 7.91
CA ASP E 67 32.79 10.88 8.66
C ASP E 67 34.22 11.39 8.61
N ASN E 68 34.67 11.78 7.42
CA ASN E 68 36.05 12.24 7.25
C ASN E 68 36.31 13.52 8.03
N GLU E 69 35.29 14.36 8.16
CA GLU E 69 35.42 15.53 9.02
C GLU E 69 35.39 15.13 10.49
N LEU E 70 34.52 14.22 10.85
CA LEU E 70 34.18 14.04 12.25
C LEU E 70 35.17 13.15 12.99
N LYS E 71 35.79 12.18 12.30
CA LYS E 71 36.88 11.42 12.90
C LYS E 71 38.05 12.32 13.22
N LYS E 72 38.30 13.30 12.36
CA LYS E 72 39.38 14.26 12.60
C LYS E 72 39.05 15.17 13.77
N ARG E 73 37.78 15.58 13.87
CA ARG E 73 37.36 16.39 15.00
C ARG E 73 37.44 15.63 16.32
N PHE E 74 37.26 14.32 16.30
CA PHE E 74 37.30 13.61 17.57
C PHE E 74 38.68 13.09 17.91
N LYS E 75 39.56 12.99 16.93
CA LYS E 75 40.97 12.87 17.24
C LYS E 75 41.48 14.16 17.88
N ASN E 76 40.90 15.31 17.49
CA ASN E 76 41.29 16.56 18.13
C ASN E 76 40.68 16.71 19.51
N TRP E 77 39.36 16.53 19.64
CA TRP E 77 38.65 16.95 20.85
C TRP E 77 38.97 16.07 22.04
N ASP E 78 38.89 14.75 21.86
CA ASP E 78 39.02 13.85 22.99
C ASP E 78 40.43 13.85 23.56
N ASP E 79 41.41 14.31 22.80
CA ASP E 79 42.72 14.65 23.35
C ASP E 79 42.59 15.71 24.43
N LEU E 80 41.84 16.78 24.13
CA LEU E 80 41.62 17.85 25.11
C LEU E 80 40.84 17.37 26.30
N MET E 81 39.88 16.48 26.10
CA MET E 81 39.13 15.95 27.24
C MET E 81 39.94 14.92 28.00
N LYS E 82 40.88 14.23 27.34
CA LYS E 82 41.75 13.34 28.09
C LYS E 82 42.83 14.12 28.82
N ALA E 83 43.49 15.04 28.13
CA ALA E 83 44.58 15.81 28.72
C ALA E 83 44.09 17.07 29.42
N PHE E 84 42.84 17.07 29.89
CA PHE E 84 42.30 18.26 30.54
C PHE E 84 42.93 18.60 31.88
N PRO E 85 43.13 17.69 32.85
CA PRO E 85 43.62 18.17 34.16
C PRO E 85 45.05 18.68 34.13
N GLU E 86 45.89 18.13 33.25
CA GLU E 86 47.24 18.67 33.10
C GLU E 86 47.21 20.08 32.53
N GLN E 87 46.36 20.30 31.53
CA GLN E 87 46.15 21.64 30.99
C GLN E 87 45.52 22.57 32.02
N ALA E 88 44.69 22.02 32.91
CA ALA E 88 44.04 22.83 33.94
C ALA E 88 45.04 23.26 34.99
N LYS E 89 46.01 22.41 35.30
CA LYS E 89 47.10 22.85 36.17
C LYS E 89 48.02 23.82 35.45
N ASP E 90 48.16 23.67 34.13
CA ASP E 90 49.17 24.43 33.42
C ASP E 90 48.73 25.87 33.15
N LEU E 91 47.54 26.05 32.56
CA LEU E 91 47.09 27.38 32.17
C LEU E 91 46.74 28.23 33.36
N PHE E 92 46.38 27.61 34.47
CA PHE E 92 45.96 28.35 35.65
C PHE E 92 47.13 29.06 36.31
N ARG E 93 48.34 28.57 36.12
CA ARG E 93 49.54 29.16 36.69
C ARG E 93 50.07 30.36 35.91
N GLY E 94 49.35 30.81 34.88
CA GLY E 94 49.77 31.99 34.15
C GLY E 94 49.69 33.23 35.02
N TRP E 95 50.65 34.14 34.82
CA TRP E 95 50.84 35.22 35.78
C TRP E 95 50.05 36.47 35.44
N LEU E 96 48.76 36.26 35.20
CA LEU E 96 47.75 37.30 35.29
C LEU E 96 47.14 37.33 36.68
N ASN E 97 47.62 36.44 37.57
CA ASN E 97 47.06 36.26 38.89
C ASN E 97 47.21 37.50 39.76
N ASP E 98 48.34 38.20 39.63
CA ASP E 98 48.53 39.44 40.35
C ASP E 98 47.55 40.52 39.93
N GLY E 99 47.13 40.50 38.66
CA GLY E 99 46.10 41.44 38.23
C GLY E 99 44.76 41.16 38.87
N THR E 100 44.44 39.88 39.07
CA THR E 100 43.23 39.51 39.78
C THR E 100 43.32 39.89 41.25
N ILE E 101 44.50 39.76 41.85
CA ILE E 101 44.67 40.15 43.25
C ILE E 101 44.63 41.66 43.41
N ASP E 102 45.10 42.39 42.41
CA ASP E 102 44.92 43.84 42.42
C ASP E 102 43.46 44.22 42.24
N SER E 103 42.72 43.40 41.50
CA SER E 103 41.29 43.65 41.38
C SER E 103 40.57 43.38 42.69
N ILE E 104 40.98 42.35 43.43
CA ILE E 104 40.26 42.08 44.67
C ILE E 104 40.70 42.98 45.80
N ILE E 105 41.89 43.58 45.72
CA ILE E 105 42.16 44.64 46.69
C ILE E 105 41.41 45.89 46.27
N HIS E 106 41.24 46.14 44.97
CA HIS E 106 40.49 47.30 44.52
C HIS E 106 38.98 47.06 44.56
N ASP E 107 38.56 45.88 45.01
CA ASP E 107 37.17 45.46 45.07
C ASP E 107 36.42 46.26 46.16
N GLU E 108 35.17 45.87 46.42
CA GLU E 108 34.34 46.44 47.48
C GLU E 108 35.01 46.40 48.86
N PHE E 109 35.93 45.46 49.07
CA PHE E 109 36.71 45.42 50.30
C PHE E 109 37.53 46.69 50.55
N LYS E 110 38.05 47.36 49.51
CA LYS E 110 38.74 48.63 49.71
C LYS E 110 37.80 49.77 50.06
N LYS E 111 36.56 49.70 49.58
CA LYS E 111 35.84 50.92 49.26
C LYS E 111 35.28 51.65 50.48
N TYR E 112 35.43 51.10 51.68
CA TYR E 112 35.31 51.95 52.87
C TYR E 112 36.37 53.03 52.85
N SER E 113 37.59 52.68 52.44
CA SER E 113 38.63 53.69 52.33
C SER E 113 38.40 54.60 51.14
N ALA E 114 37.77 54.09 50.06
CA ALA E 114 37.53 54.93 48.89
C ALA E 114 36.47 56.00 49.18
N GLY E 115 35.30 55.57 49.67
CA GLY E 115 34.29 56.53 50.09
C GLY E 115 34.74 57.39 51.26
N LEU E 116 35.61 56.84 52.11
CA LEU E 116 36.20 57.58 53.23
C LEU E 116 37.06 58.74 52.74
N THR E 117 37.97 58.46 51.80
CA THR E 117 38.85 59.51 51.31
C THR E 117 38.09 60.52 50.47
N SER E 118 37.06 60.07 49.76
CA SER E 118 36.22 61.00 49.01
C SER E 118 35.42 61.91 49.95
N ALA E 119 34.92 61.36 51.06
CA ALA E 119 34.26 62.17 52.08
C ALA E 119 35.24 63.11 52.76
N PHE E 120 36.50 62.69 52.90
CA PHE E 120 37.51 63.58 53.45
C PHE E 120 37.78 64.76 52.52
N ALA E 121 37.85 64.48 51.22
CA ALA E 121 38.02 65.55 50.25
C ALA E 121 36.82 66.48 50.22
N LEU E 122 35.62 65.94 50.36
CA LEU E 122 34.42 66.77 50.44
C LEU E 122 34.42 67.64 51.68
N PHE E 123 34.92 67.10 52.80
CA PHE E 123 35.01 67.87 54.03
C PHE E 123 36.04 68.98 53.93
N LYS E 124 37.15 68.73 53.22
CA LYS E 124 38.12 69.80 53.01
C LYS E 124 37.58 70.88 52.07
N VAL E 125 36.81 70.50 51.06
CA VAL E 125 36.15 71.48 50.20
C VAL E 125 35.11 72.27 51.01
N THR E 126 34.45 71.60 51.95
CA THR E 126 33.52 72.26 52.85
C THR E 126 34.25 73.28 53.73
N GLU E 127 35.44 72.92 54.20
CA GLU E 127 36.26 73.87 54.96
C GLU E 127 36.63 75.09 54.13
N MET E 128 37.07 74.87 52.89
CA MET E 128 37.54 75.98 52.06
C MET E 128 36.39 76.91 51.66
N LYS E 129 35.22 76.34 51.35
CA LYS E 129 34.08 77.20 51.06
C LYS E 129 33.56 77.89 52.33
N GLN E 130 33.82 77.33 53.51
CA GLN E 130 33.49 78.07 54.73
C GLN E 130 34.48 79.21 54.98
N MET E 131 35.74 79.03 54.56
CA MET E 131 36.68 80.15 54.56
C MET E 131 36.15 81.27 53.67
N ASN E 132 35.65 80.89 52.49
CA ASN E 132 35.00 81.84 51.58
C ASN E 132 33.75 82.46 52.20
N ASP E 133 33.07 81.71 53.07
CA ASP E 133 31.90 82.23 53.77
C ASP E 133 32.28 83.36 54.71
N PHE E 134 33.30 83.17 55.55
CA PHE E 134 33.63 84.30 56.44
C PHE E 134 34.65 85.27 55.83
N LYS E 135 34.99 85.13 54.54
CA LYS E 135 35.62 86.23 53.84
C LYS E 135 34.69 87.43 53.69
N SER E 136 33.37 87.19 53.68
CA SER E 136 32.42 88.22 53.29
C SER E 136 32.20 89.29 54.35
N GLU E 137 32.63 89.05 55.59
CA GLU E 137 32.43 90.03 56.66
C GLU E 137 33.50 91.11 56.70
N VAL E 138 34.27 91.29 55.62
CA VAL E 138 35.37 92.24 55.59
C VAL E 138 35.04 93.48 54.75
N LYS E 139 34.12 93.37 53.80
CA LYS E 139 33.95 94.34 52.70
C LYS E 139 32.96 95.46 53.03
N ASP E 140 32.88 95.87 54.29
CA ASP E 140 31.93 96.90 54.68
C ASP E 140 32.29 98.28 54.10
N LEU E 141 33.51 98.76 54.33
CA LEU E 141 33.93 100.06 53.82
C LEU E 141 35.32 99.95 53.19
N ILE E 142 35.45 99.01 52.25
CA ILE E 142 36.67 98.89 51.45
C ILE E 142 36.79 99.97 50.37
N LYS E 143 35.82 100.88 50.26
CA LYS E 143 35.77 101.81 49.14
C LYS E 143 36.69 103.01 49.35
N ASP E 144 36.38 103.85 50.34
CA ASP E 144 37.12 105.08 50.59
C ASP E 144 37.30 105.34 52.08
N VAL F 77 2.99 -92.31 7.29
CA VAL F 77 4.19 -91.99 6.53
C VAL F 77 5.19 -91.24 7.39
N VAL F 78 6.18 -90.63 6.74
CA VAL F 78 7.16 -89.83 7.46
C VAL F 78 6.55 -88.55 7.99
N LEU F 79 5.57 -88.00 7.27
CA LEU F 79 4.85 -86.83 7.76
C LEU F 79 4.00 -87.18 8.97
N GLU F 80 3.43 -88.38 8.98
CA GLU F 80 2.69 -88.86 10.15
C GLU F 80 3.64 -89.07 11.34
N GLN F 81 4.86 -89.53 11.06
CA GLN F 81 5.85 -89.70 12.13
C GLN F 81 6.27 -88.35 12.71
N ARG F 82 6.45 -87.35 11.84
CA ARG F 82 6.80 -86.01 12.32
C ARG F 82 5.64 -85.38 13.08
N ILE F 83 4.41 -85.67 12.67
CA ILE F 83 3.24 -85.18 13.40
C ILE F 83 3.12 -85.87 14.76
N ALA F 84 3.51 -87.14 14.83
CA ALA F 84 3.51 -87.83 16.12
C ALA F 84 4.61 -87.29 17.02
N SER F 85 5.76 -86.93 16.44
CA SER F 85 6.84 -86.35 17.23
C SER F 85 6.48 -84.95 17.72
N LEU F 86 5.71 -84.21 16.92
CA LEU F 86 5.24 -82.90 17.36
C LEU F 86 4.22 -82.99 18.48
N GLU F 87 3.28 -83.94 18.46
CA GLU F 87 2.37 -84.09 19.62
C GLU F 87 3.09 -84.57 20.87
N GLN F 88 4.17 -85.34 20.71
CA GLN F 88 4.99 -85.73 21.85
C GLN F 88 5.71 -84.53 22.45
N GLN F 89 6.17 -83.61 21.59
CA GLN F 89 6.81 -82.39 22.08
C GLN F 89 5.79 -81.48 22.75
N VAL F 90 4.56 -81.46 22.24
CA VAL F 90 3.51 -80.66 22.86
C VAL F 90 3.11 -81.24 24.22
N THR F 91 3.10 -82.57 24.33
CA THR F 91 2.77 -83.21 25.60
C THR F 91 3.90 -83.04 26.60
N THR F 92 5.15 -83.03 26.13
CA THR F 92 6.28 -82.77 27.01
C THR F 92 6.31 -81.31 27.44
N PHE F 93 5.80 -80.42 26.60
CA PHE F 93 5.76 -79.00 26.95
C PHE F 93 4.72 -78.72 28.01
N LEU F 94 3.62 -79.49 28.01
CA LEU F 94 2.56 -79.31 28.99
C LEU F 94 2.98 -79.83 30.36
N VAL G 77 -2.85 -90.01 12.37
CA VAL G 77 -4.23 -90.45 12.22
C VAL G 77 -5.21 -89.36 12.64
N VAL G 78 -6.50 -89.60 12.42
CA VAL G 78 -7.51 -88.63 12.83
C VAL G 78 -7.63 -88.56 14.34
N LEU G 79 -7.30 -89.66 15.03
CA LEU G 79 -7.27 -89.64 16.49
C LEU G 79 -6.15 -88.77 17.01
N GLU G 80 -5.03 -88.70 16.29
CA GLU G 80 -3.98 -87.75 16.62
C GLU G 80 -4.45 -86.32 16.44
N GLN G 81 -5.27 -86.06 15.42
CA GLN G 81 -5.82 -84.74 15.21
C GLN G 81 -6.82 -84.38 16.31
N ARG G 82 -7.58 -85.36 16.78
CA ARG G 82 -8.51 -85.11 17.89
C ARG G 82 -7.75 -84.86 19.18
N ILE G 83 -6.63 -85.57 19.38
CA ILE G 83 -5.83 -85.35 20.59
C ILE G 83 -5.12 -84.01 20.54
N ALA G 84 -4.78 -83.54 19.34
CA ALA G 84 -4.17 -82.21 19.23
C ALA G 84 -5.14 -81.09 19.57
N SER G 85 -6.41 -81.14 19.17
CA SER G 85 -7.32 -80.04 19.53
C SER G 85 -7.67 -80.01 21.01
N LEU G 86 -7.71 -81.17 21.67
CA LEU G 86 -7.91 -81.20 23.11
C LEU G 86 -6.73 -80.60 23.84
N GLU G 87 -5.51 -80.83 23.33
CA GLU G 87 -4.33 -80.21 23.91
C GLU G 87 -4.33 -78.71 23.67
N GLN G 88 -4.85 -78.28 22.51
CA GLN G 88 -4.97 -76.85 22.21
C GLN G 88 -5.97 -76.18 23.16
N GLN G 89 -7.08 -76.86 23.42
CA GLN G 89 -8.09 -76.31 24.33
C GLN G 89 -7.59 -76.29 25.77
N VAL G 90 -6.82 -77.31 26.16
CA VAL G 90 -6.27 -77.34 27.52
C VAL G 90 -5.19 -76.27 27.69
N THR G 91 -4.43 -75.99 26.63
CA THR G 91 -3.44 -74.93 26.68
C THR G 91 -4.09 -73.56 26.71
N THR G 92 -5.21 -73.40 25.98
CA THR G 92 -5.92 -72.14 26.00
C THR G 92 -6.64 -71.94 27.34
N PHE G 93 -6.96 -73.03 28.03
CA PHE G 93 -7.54 -72.93 29.36
C PHE G 93 -6.52 -72.37 30.36
N LEU G 94 -5.25 -72.70 30.18
CA LEU G 94 -4.21 -72.21 31.06
C LEU G 94 -3.73 -70.83 30.61
N VAL H 77 -5.22 -85.02 3.69
CA VAL H 77 -4.29 -84.38 2.78
C VAL H 77 -4.06 -82.93 3.17
N VAL H 78 -4.87 -82.03 2.60
CA VAL H 78 -4.80 -80.62 2.98
C VAL H 78 -5.28 -80.42 4.40
N LEU H 79 -6.23 -81.24 4.86
CA LEU H 79 -6.63 -81.24 6.25
C LEU H 79 -5.50 -81.71 7.16
N GLU H 80 -4.67 -82.63 6.65
CA GLU H 80 -3.50 -83.06 7.41
C GLU H 80 -2.47 -81.94 7.51
N GLN H 81 -2.33 -81.14 6.45
CA GLN H 81 -1.44 -79.98 6.52
C GLN H 81 -1.98 -78.93 7.48
N ARG H 82 -3.31 -78.77 7.53
CA ARG H 82 -3.90 -77.84 8.49
C ARG H 82 -3.72 -78.33 9.93
N ILE H 83 -3.82 -79.65 10.14
CA ILE H 83 -3.61 -80.21 11.47
C ILE H 83 -2.15 -80.10 11.89
N ALA H 84 -1.24 -80.17 10.92
CA ALA H 84 0.17 -79.94 11.23
C ALA H 84 0.43 -78.47 11.54
N SER H 85 -0.29 -77.57 10.86
CA SER H 85 -0.11 -76.14 11.11
C SER H 85 -0.65 -75.73 12.47
N LEU H 86 -1.78 -76.32 12.87
CA LEU H 86 -2.36 -75.98 14.17
C LEU H 86 -1.54 -76.52 15.33
N GLU H 87 -0.96 -77.72 15.26
CA GLU H 87 -0.13 -78.19 16.39
C GLU H 87 1.18 -77.45 16.51
N GLN H 88 1.73 -76.97 15.40
CA GLN H 88 2.89 -76.11 15.45
C GLN H 88 2.58 -74.78 16.13
N GLN H 89 1.39 -74.23 15.83
CA GLN H 89 0.98 -72.99 16.47
C GLN H 89 0.70 -73.19 17.96
N VAL H 90 0.15 -74.35 18.33
CA VAL H 90 -0.11 -74.64 19.74
C VAL H 90 1.21 -74.83 20.49
N THR H 91 2.19 -75.44 19.84
CA THR H 91 3.51 -75.61 20.46
C THR H 91 4.22 -74.26 20.60
N THR H 92 4.04 -73.38 19.62
CA THR H 92 4.63 -72.04 19.71
C THR H 92 3.98 -71.23 20.83
N PHE H 93 2.66 -71.38 21.00
CA PHE H 93 1.99 -70.67 22.09
C PHE H 93 2.34 -71.24 23.45
N LEU H 94 2.57 -72.56 23.52
CA LEU H 94 2.99 -73.18 24.77
C LEU H 94 4.41 -72.77 25.14
N SER H 95 5.27 -72.60 24.14
CA SER H 95 6.59 -72.04 24.39
C SER H 95 6.52 -70.56 24.70
N SER H 96 5.46 -69.89 24.26
CA SER H 96 5.25 -68.51 24.66
C SER H 96 4.79 -68.41 26.11
N GLN H 97 4.07 -69.43 26.60
CA GLN H 97 3.59 -69.40 27.98
C GLN H 97 4.71 -69.75 28.94
N MET H 98 5.26 -70.95 28.81
CA MET H 98 6.32 -71.45 29.71
C MET H 98 7.65 -71.07 29.07
N GLN H 99 8.58 -70.57 29.89
CA GLN H 99 9.84 -69.97 29.46
C GLN H 99 10.72 -70.88 28.60
N GLN H 100 10.59 -72.20 28.78
CA GLN H 100 11.31 -73.15 27.95
C GLN H 100 10.33 -74.15 27.36
N VAL I 77 11.87 -88.79 1.32
CA VAL I 77 12.97 -88.27 0.51
C VAL I 77 13.71 -87.17 1.25
N VAL I 78 14.36 -86.28 0.50
CA VAL I 78 15.08 -85.18 1.12
C VAL I 78 14.14 -84.10 1.61
N LEU I 79 12.89 -84.10 1.13
CA LEU I 79 11.91 -83.15 1.62
C LEU I 79 11.53 -83.45 3.06
N GLU I 80 11.50 -84.74 3.42
CA GLU I 80 11.27 -85.12 4.81
C GLU I 80 12.45 -84.70 5.69
N GLN I 81 13.67 -84.76 5.15
CA GLN I 81 14.82 -84.28 5.87
C GLN I 81 14.76 -82.76 6.07
N ARG I 82 14.24 -82.05 5.06
CA ARG I 82 14.10 -80.60 5.19
C ARG I 82 13.03 -80.23 6.20
N ILE I 83 11.91 -80.96 6.21
CA ILE I 83 10.85 -80.70 7.18
C ILE I 83 11.28 -81.07 8.59
N ALA I 84 12.13 -82.08 8.73
CA ALA I 84 12.67 -82.41 10.04
C ALA I 84 13.69 -81.37 10.48
N SER I 85 14.45 -80.81 9.54
CA SER I 85 15.47 -79.83 9.90
C SER I 85 14.85 -78.50 10.28
N LEU I 86 13.83 -78.07 9.55
CA LEU I 86 13.17 -76.81 9.88
C LEU I 86 12.42 -76.88 11.20
N GLU I 87 11.82 -78.02 11.59
CA GLU I 87 11.25 -78.09 12.94
C GLU I 87 12.31 -78.03 14.02
N GLN I 88 13.51 -78.57 13.73
CA GLN I 88 14.61 -78.51 14.69
C GLN I 88 15.08 -77.07 14.89
N GLN I 89 15.22 -76.33 13.79
CA GLN I 89 15.66 -74.94 13.89
C GLN I 89 14.59 -74.07 14.52
N VAL I 90 13.31 -74.39 14.26
CA VAL I 90 12.21 -73.64 14.87
C VAL I 90 12.18 -73.88 16.37
N THR I 91 12.38 -75.13 16.79
CA THR I 91 12.43 -75.45 18.22
C THR I 91 13.63 -74.78 18.88
N THR I 92 14.78 -74.79 18.20
CA THR I 92 15.99 -74.17 18.70
C THR I 92 15.84 -72.67 18.91
N PHE I 93 15.34 -71.98 17.89
CA PHE I 93 15.19 -70.52 17.99
C PHE I 93 14.10 -70.14 18.97
N LEU I 94 12.97 -70.83 18.93
CA LEU I 94 11.85 -70.48 19.81
C LEU I 94 12.04 -71.00 21.22
N SER I 95 13.06 -71.78 21.48
CA SER I 95 13.31 -72.20 22.85
C SER I 95 14.54 -71.56 23.46
N SER I 96 15.53 -71.20 22.65
CA SER I 96 16.81 -70.75 23.18
C SER I 96 16.88 -69.25 23.37
N GLN I 97 16.74 -68.46 22.31
CA GLN I 97 17.17 -67.07 22.36
C GLN I 97 16.07 -66.16 22.89
N MET I 98 14.83 -66.38 22.46
CA MET I 98 13.76 -65.44 22.79
C MET I 98 12.43 -66.17 22.79
N GLN I 99 11.39 -65.45 23.16
CA GLN I 99 10.02 -65.88 23.00
C GLN I 99 9.36 -65.27 21.77
N GLN I 100 9.96 -64.21 21.21
CA GLN I 100 9.45 -63.59 19.99
C GLN I 100 10.56 -62.83 19.29
N VAL J 77 12.61 -74.44 -7.15
CA VAL J 77 11.97 -73.84 -5.99
C VAL J 77 12.37 -74.58 -4.72
N VAL J 78 12.41 -75.90 -4.80
CA VAL J 78 12.80 -76.71 -3.65
C VAL J 78 14.23 -76.40 -3.23
N LEU J 79 15.10 -76.25 -4.22
CA LEU J 79 16.51 -75.95 -3.96
C LEU J 79 16.61 -74.58 -3.28
N GLU J 80 15.84 -73.62 -3.76
CA GLU J 80 15.84 -72.28 -3.18
C GLU J 80 15.38 -72.34 -1.73
N GLN J 81 14.35 -73.14 -1.48
CA GLN J 81 13.82 -73.28 -0.13
C GLN J 81 14.88 -73.88 0.78
N ARG J 82 15.61 -74.89 0.28
CA ARG J 82 16.66 -75.52 1.06
C ARG J 82 17.76 -74.52 1.39
N ILE J 83 18.11 -73.70 0.40
CA ILE J 83 19.13 -72.68 0.60
C ILE J 83 18.71 -71.69 1.66
N ALA J 84 17.44 -71.30 1.63
CA ALA J 84 16.94 -70.34 2.62
C ALA J 84 17.05 -70.95 4.02
N SER J 85 16.70 -72.23 4.15
CA SER J 85 16.78 -72.90 5.46
C SER J 85 18.22 -72.95 5.92
N LEU J 86 19.14 -73.22 5.02
CA LEU J 86 20.54 -73.27 5.41
C LEU J 86 20.99 -71.91 5.91
N GLU J 87 20.59 -70.86 5.20
CA GLU J 87 20.97 -69.51 5.60
C GLU J 87 20.40 -69.18 6.97
N GLN J 88 19.14 -69.52 7.20
CA GLN J 88 18.54 -69.21 8.51
C GLN J 88 19.24 -69.98 9.63
N GLN J 89 19.62 -71.23 9.36
CA GLN J 89 20.31 -72.04 10.36
C GLN J 89 21.65 -71.39 10.69
N VAL J 90 22.35 -70.92 9.66
CA VAL J 90 23.63 -70.28 9.86
C VAL J 90 23.46 -69.02 10.70
N THR J 91 22.41 -68.26 10.41
CA THR J 91 22.15 -67.03 11.15
C THR J 91 21.88 -67.35 12.61
N THR J 92 21.11 -68.40 12.85
CA THR J 92 20.77 -68.80 14.21
C THR J 92 22.04 -69.19 14.97
N PHE J 93 22.92 -69.92 14.28
CA PHE J 93 24.18 -70.35 14.89
C PHE J 93 25.05 -69.15 15.24
N LEU J 94 25.05 -68.16 14.35
CA LEU J 94 25.85 -66.96 14.55
C LEU J 94 25.41 -66.06 15.70
N SER J 95 24.35 -66.44 16.41
CA SER J 95 23.89 -65.60 17.51
C SER J 95 24.07 -66.32 18.85
N SER J 96 24.01 -67.65 18.87
CA SER J 96 24.19 -68.39 20.13
C SER J 96 25.11 -69.59 19.91
N GLN J 97 25.89 -69.90 20.94
CA GLN J 97 26.80 -71.05 20.85
C GLN J 97 26.04 -72.36 21.00
N MET J 98 24.89 -72.33 21.65
CA MET J 98 24.06 -73.50 21.83
C MET J 98 23.36 -73.88 20.54
N VAL K 77 3.26 -82.22 -2.23
CA VAL K 77 2.94 -80.93 -2.81
C VAL K 77 2.46 -79.95 -1.76
N VAL K 78 1.52 -80.40 -0.93
CA VAL K 78 0.97 -79.55 0.13
C VAL K 78 2.05 -79.15 1.13
N LEU K 79 2.92 -80.10 1.46
CA LEU K 79 4.00 -79.85 2.41
C LEU K 79 4.96 -78.79 1.89
N GLU K 80 5.25 -78.84 0.59
CA GLU K 80 6.15 -77.90 -0.04
C GLU K 80 5.72 -76.45 0.23
N GLN K 81 4.41 -76.25 0.36
CA GLN K 81 3.86 -74.93 0.61
C GLN K 81 3.91 -74.58 2.10
N ARG K 82 3.57 -75.53 2.96
CA ARG K 82 3.62 -75.28 4.39
C ARG K 82 5.06 -75.16 4.87
N ILE K 83 5.98 -75.93 4.26
CA ILE K 83 7.39 -75.80 4.60
C ILE K 83 7.94 -74.45 4.17
N ALA K 84 7.41 -73.90 3.07
CA ALA K 84 7.80 -72.56 2.66
C ALA K 84 7.20 -71.51 3.58
N SER K 85 5.99 -71.75 4.06
CA SER K 85 5.33 -70.77 4.91
C SER K 85 5.99 -70.69 6.28
N LEU K 86 6.36 -71.84 6.84
CA LEU K 86 7.02 -71.84 8.14
C LEU K 86 8.45 -71.31 8.06
N GLU K 87 9.18 -71.48 6.95
CA GLU K 87 10.53 -70.88 6.88
C GLU K 87 10.50 -69.38 6.86
N GLN K 88 9.52 -68.79 6.18
CA GLN K 88 9.35 -67.33 6.24
C GLN K 88 8.93 -66.90 7.63
N GLN K 89 8.16 -67.73 8.32
CA GLN K 89 7.77 -67.41 9.70
C GLN K 89 8.97 -67.45 10.64
N VAL K 90 9.91 -68.34 10.38
CA VAL K 90 11.13 -68.36 11.19
C VAL K 90 12.01 -67.17 10.83
N THR K 91 12.04 -66.81 9.55
CA THR K 91 12.95 -65.76 9.10
C THR K 91 12.47 -64.37 9.52
N THR K 92 11.15 -64.20 9.62
CA THR K 92 10.62 -62.90 10.01
C THR K 92 10.50 -62.79 11.51
N PHE K 93 10.96 -63.81 12.22
CA PHE K 93 10.98 -63.75 13.68
C PHE K 93 12.42 -63.73 14.15
N LEU K 94 13.31 -64.31 13.35
CA LEU K 94 14.74 -64.21 13.66
C LEU K 94 15.24 -62.80 13.47
N SER K 95 14.72 -62.09 12.46
CA SER K 95 15.12 -60.71 12.22
C SER K 95 14.55 -59.75 13.25
N SER K 96 13.56 -60.18 14.04
CA SER K 96 13.05 -59.32 15.10
C SER K 96 14.04 -59.19 16.24
N GLN K 97 14.94 -60.16 16.39
CA GLN K 97 15.94 -60.13 17.45
C GLN K 97 17.35 -60.37 16.89
N MET K 98 17.57 -60.08 15.63
CA MET K 98 18.83 -60.43 15.00
C MET K 98 19.91 -59.41 15.31
N GLN K 99 21.16 -59.79 15.01
CA GLN K 99 22.24 -58.84 14.91
C GLN K 99 22.24 -58.13 13.57
N GLN K 100 21.53 -58.67 12.58
CA GLN K 100 21.46 -58.10 11.25
C GLN K 100 20.64 -56.81 11.25
#